data_1WMV
#
_entry.id   1WMV
#
_entity_poly.entity_id   1
_entity_poly.type   'polypeptide(L)'
_entity_poly.pdbx_seq_one_letter_code
;GSAKRKRVAGDLPYGWEQETDENGQVFFVDHINKRTTYLDPRLAFTVDDNPTKP
;
_entity_poly.pdbx_strand_id   A
#
# COMPACT_ATOMS: atom_id res chain seq x y z
N GLY A 1 14.88 -6.82 11.00
CA GLY A 1 14.34 -6.07 12.16
C GLY A 1 13.14 -5.22 11.79
N SER A 2 12.70 -4.40 12.71
CA SER A 2 11.53 -3.55 12.48
C SER A 2 11.90 -2.34 11.62
N ALA A 3 13.20 -2.01 11.61
CA ALA A 3 13.72 -0.88 10.85
C ALA A 3 13.06 0.43 11.31
N LYS A 4 12.74 0.51 12.59
CA LYS A 4 12.04 1.65 13.14
C LYS A 4 13.01 2.80 13.42
N ARG A 5 13.67 3.27 12.36
CA ARG A 5 14.59 4.39 12.47
C ARG A 5 14.47 5.28 11.25
N LYS A 6 14.25 4.66 10.09
CA LYS A 6 14.13 5.38 8.84
C LYS A 6 13.02 4.78 7.99
N ARG A 7 12.09 5.61 7.55
CA ARG A 7 10.97 5.15 6.73
C ARG A 7 11.32 5.23 5.25
N VAL A 8 12.44 4.63 4.88
CA VAL A 8 12.89 4.65 3.50
C VAL A 8 13.47 3.28 3.12
N ALA A 9 12.95 2.72 2.03
CA ALA A 9 13.40 1.41 1.56
C ALA A 9 12.88 1.14 0.15
N GLY A 10 11.67 1.60 -0.11
CA GLY A 10 11.03 1.30 -1.38
C GLY A 10 10.04 0.17 -1.25
N ASP A 11 9.24 0.22 -0.20
CA ASP A 11 8.29 -0.85 0.09
C ASP A 11 7.01 -0.68 -0.72
N LEU A 12 6.24 0.35 -0.40
CA LEU A 12 4.98 0.60 -1.06
C LEU A 12 5.17 1.35 -2.38
N PRO A 13 4.15 1.32 -3.25
CA PRO A 13 4.15 2.11 -4.48
C PRO A 13 4.09 3.60 -4.19
N TYR A 14 4.50 4.41 -5.16
CA TYR A 14 4.34 5.84 -5.08
C TYR A 14 2.89 6.18 -4.78
N GLY A 15 2.70 7.13 -3.88
CA GLY A 15 1.37 7.48 -3.45
C GLY A 15 1.03 6.89 -2.08
N TRP A 16 1.41 5.63 -1.88
CA TRP A 16 1.07 4.91 -0.68
C TRP A 16 1.93 5.32 0.53
N GLU A 17 1.27 5.55 1.65
CA GLU A 17 1.94 5.83 2.90
C GLU A 17 1.68 4.70 3.89
N GLN A 18 2.68 4.37 4.68
CA GLN A 18 2.57 3.31 5.67
C GLN A 18 2.26 3.89 7.04
N GLU A 19 1.09 3.54 7.58
CA GLU A 19 0.68 4.04 8.88
C GLU A 19 0.28 2.88 9.78
N THR A 20 -0.01 3.19 11.03
CA THR A 20 -0.47 2.19 11.98
C THR A 20 -1.70 2.71 12.72
N ASP A 21 -2.66 1.83 12.94
CA ASP A 21 -3.89 2.21 13.62
C ASP A 21 -3.75 2.08 15.13
N GLU A 22 -4.86 2.27 15.82
CA GLU A 22 -4.89 2.25 17.29
C GLU A 22 -4.76 0.83 17.83
N ASN A 23 -5.07 -0.16 17.00
CA ASN A 23 -4.96 -1.55 17.40
C ASN A 23 -3.54 -2.07 17.17
N GLY A 24 -2.73 -1.22 16.55
CA GLY A 24 -1.37 -1.59 16.23
C GLY A 24 -1.29 -2.39 14.94
N GLN A 25 -2.37 -2.38 14.19
CA GLN A 25 -2.42 -3.02 12.90
C GLN A 25 -1.92 -2.06 11.85
N VAL A 26 -0.91 -2.46 11.10
CA VAL A 26 -0.41 -1.61 10.05
C VAL A 26 -1.37 -1.58 8.89
N PHE A 27 -1.43 -0.42 8.25
CA PHE A 27 -2.30 -0.22 7.11
C PHE A 27 -1.65 0.78 6.17
N PHE A 28 -2.08 0.76 4.94
CA PHE A 28 -1.48 1.60 3.92
C PHE A 28 -2.53 2.51 3.32
N VAL A 29 -2.16 3.76 3.11
CA VAL A 29 -3.08 4.74 2.59
C VAL A 29 -2.45 5.51 1.45
N ASP A 30 -3.06 5.40 0.29
CA ASP A 30 -2.62 6.14 -0.88
C ASP A 30 -3.08 7.59 -0.74
N HIS A 31 -2.24 8.52 -1.12
CA HIS A 31 -2.59 9.94 -0.99
C HIS A 31 -2.81 10.57 -2.36
N ILE A 32 -3.13 9.74 -3.33
CA ILE A 32 -3.46 10.21 -4.68
C ILE A 32 -4.98 10.15 -4.86
N ASN A 33 -5.55 8.98 -4.61
CA ASN A 33 -6.99 8.80 -4.66
C ASN A 33 -7.54 8.85 -3.24
N LYS A 34 -6.66 8.59 -2.27
CA LYS A 34 -6.93 8.72 -0.84
C LYS A 34 -7.77 7.57 -0.32
N ARG A 35 -7.23 6.36 -0.39
CA ARG A 35 -7.91 5.20 0.20
C ARG A 35 -7.03 4.50 1.23
N THR A 36 -7.55 4.38 2.45
CA THR A 36 -6.88 3.65 3.52
C THR A 36 -7.26 2.17 3.46
N THR A 37 -6.28 1.31 3.28
CA THR A 37 -6.53 -0.12 3.24
C THR A 37 -5.69 -0.84 4.29
N TYR A 38 -6.31 -1.79 4.99
CA TYR A 38 -5.63 -2.55 6.03
C TYR A 38 -4.98 -3.80 5.45
N LEU A 39 -4.90 -3.87 4.13
CA LEU A 39 -4.29 -5.00 3.46
C LEU A 39 -3.16 -4.53 2.57
N ASP A 40 -2.23 -5.44 2.28
CA ASP A 40 -1.05 -5.12 1.49
C ASP A 40 -1.42 -4.97 0.01
N PRO A 41 -1.22 -3.78 -0.57
CA PRO A 41 -1.55 -3.49 -1.94
C PRO A 41 -0.38 -3.69 -2.90
N ARG A 42 0.35 -4.78 -2.71
CA ARG A 42 1.45 -5.11 -3.61
C ARG A 42 1.21 -6.44 -4.32
N LEU A 43 0.11 -7.10 -3.96
CA LEU A 43 -0.23 -8.42 -4.48
C LEU A 43 -0.21 -8.46 -6.01
N ALA A 44 -1.29 -7.97 -6.63
CA ALA A 44 -1.39 -7.94 -8.09
C ALA A 44 -1.19 -6.54 -8.61
N PHE A 45 -0.77 -5.65 -7.72
CA PHE A 45 -0.61 -4.25 -8.07
C PHE A 45 0.85 -3.91 -8.29
N THR A 46 1.43 -4.50 -9.33
CA THR A 46 2.80 -4.22 -9.70
C THR A 46 2.87 -2.91 -10.49
N VAL A 47 3.81 -2.05 -10.10
CA VAL A 47 3.97 -0.75 -10.74
C VAL A 47 4.70 -0.88 -12.08
N ASP A 48 4.02 -0.49 -13.15
CA ASP A 48 4.60 -0.50 -14.49
C ASP A 48 5.11 0.89 -14.83
N ASP A 49 6.40 1.11 -14.63
CA ASP A 49 7.02 2.43 -14.81
C ASP A 49 6.34 3.46 -13.90
N ASN A 50 6.54 4.74 -14.20
CA ASN A 50 5.86 5.80 -13.48
C ASN A 50 5.58 6.98 -14.40
N PRO A 51 4.90 6.76 -15.53
CA PRO A 51 4.61 7.80 -16.49
C PRO A 51 3.22 8.39 -16.30
N THR A 52 2.85 9.33 -17.15
CA THR A 52 1.50 9.86 -17.17
C THR A 52 0.59 8.93 -17.95
N LYS A 53 0.42 7.73 -17.44
CA LYS A 53 -0.42 6.74 -18.09
C LYS A 53 -1.83 6.78 -17.49
N PRO A 54 -2.83 7.03 -18.33
CA PRO A 54 -4.23 7.01 -17.92
C PRO A 54 -4.81 5.61 -18.02
N GLY A 1 3.69 24.70 7.08
CA GLY A 1 4.90 25.47 7.46
C GLY A 1 6.16 24.86 6.87
N SER A 2 6.77 23.93 7.61
CA SER A 2 7.93 23.23 7.13
C SER A 2 7.60 21.79 6.80
N ALA A 3 8.27 21.23 5.80
CA ALA A 3 8.02 19.87 5.37
C ALA A 3 8.99 18.90 6.05
N LYS A 4 9.55 17.98 5.28
CA LYS A 4 10.50 17.00 5.79
C LYS A 4 11.23 16.35 4.63
N ARG A 5 12.28 15.60 4.92
CA ARG A 5 12.98 14.83 3.91
C ARG A 5 12.10 13.67 3.46
N LYS A 6 12.10 12.61 4.29
CA LYS A 6 11.20 11.46 4.09
C LYS A 6 11.23 10.94 2.65
N ARG A 7 12.41 10.89 2.06
CA ARG A 7 12.55 10.41 0.70
C ARG A 7 13.79 9.52 0.60
N VAL A 8 13.94 8.62 1.55
CA VAL A 8 15.09 7.73 1.58
C VAL A 8 14.69 6.34 1.12
N ALA A 9 13.66 5.79 1.75
CA ALA A 9 13.19 4.45 1.42
C ALA A 9 11.67 4.37 1.51
N GLY A 10 11.06 3.76 0.51
CA GLY A 10 9.63 3.55 0.52
C GLY A 10 9.28 2.18 0.01
N ASP A 11 8.71 1.35 0.88
CA ASP A 11 8.34 -0.02 0.52
C ASP A 11 7.18 -0.03 -0.46
N LEU A 12 6.16 0.75 -0.15
CA LEU A 12 4.99 0.88 -1.00
C LEU A 12 5.27 1.82 -2.17
N PRO A 13 4.33 1.91 -3.13
CA PRO A 13 4.39 2.92 -4.18
C PRO A 13 4.42 4.32 -3.61
N TYR A 14 4.83 5.28 -4.44
CA TYR A 14 5.07 6.66 -4.00
C TYR A 14 3.83 7.31 -3.36
N GLY A 15 2.65 6.95 -3.86
CA GLY A 15 1.42 7.53 -3.34
C GLY A 15 1.00 6.95 -2.00
N TRP A 16 1.46 5.74 -1.71
CA TRP A 16 1.05 5.04 -0.50
C TRP A 16 1.91 5.41 0.70
N GLU A 17 1.28 5.39 1.86
CA GLU A 17 1.99 5.57 3.13
C GLU A 17 1.68 4.41 4.05
N GLN A 18 2.70 3.93 4.75
CA GLN A 18 2.54 2.82 5.68
C GLN A 18 2.22 3.35 7.07
N GLU A 19 0.94 3.41 7.40
CA GLU A 19 0.50 3.98 8.66
C GLU A 19 0.07 2.89 9.63
N THR A 20 -0.09 3.27 10.89
CA THR A 20 -0.56 2.35 11.90
C THR A 20 -1.79 2.89 12.59
N ASP A 21 -2.77 2.03 12.82
CA ASP A 21 -4.01 2.44 13.46
C ASP A 21 -3.84 2.50 14.97
N GLU A 22 -4.92 2.83 15.64
CA GLU A 22 -4.92 3.01 17.10
C GLU A 22 -4.72 1.69 17.83
N ASN A 23 -5.15 0.60 17.22
CA ASN A 23 -4.99 -0.73 17.81
C ASN A 23 -3.55 -1.17 17.67
N GLY A 24 -2.92 -0.75 16.58
CA GLY A 24 -1.53 -1.09 16.35
C GLY A 24 -1.36 -2.00 15.17
N GLN A 25 -2.36 -2.01 14.30
CA GLN A 25 -2.28 -2.75 13.06
C GLN A 25 -1.84 -1.83 11.96
N VAL A 26 -0.87 -2.25 11.17
CA VAL A 26 -0.39 -1.42 10.08
C VAL A 26 -1.34 -1.51 8.90
N PHE A 27 -1.37 -0.45 8.15
CA PHE A 27 -2.21 -0.36 6.97
C PHE A 27 -1.61 0.64 6.00
N PHE A 28 -2.03 0.56 4.76
CA PHE A 28 -1.47 1.39 3.72
C PHE A 28 -2.54 2.30 3.14
N VAL A 29 -2.22 3.58 3.03
CA VAL A 29 -3.17 4.54 2.50
C VAL A 29 -2.52 5.36 1.39
N ASP A 30 -3.16 5.32 0.23
CA ASP A 30 -2.79 6.18 -0.88
C ASP A 30 -3.24 7.59 -0.54
N HIS A 31 -2.29 8.52 -0.47
CA HIS A 31 -2.61 9.87 -0.06
C HIS A 31 -3.00 10.74 -1.23
N ILE A 32 -3.00 10.14 -2.41
CA ILE A 32 -3.47 10.80 -3.61
C ILE A 32 -4.84 10.27 -4.00
N ASN A 33 -4.94 8.95 -4.11
CA ASN A 33 -6.18 8.30 -4.49
C ASN A 33 -7.04 7.99 -3.27
N LYS A 34 -6.59 8.48 -2.12
CA LYS A 34 -7.28 8.37 -0.83
C LYS A 34 -7.88 6.97 -0.58
N ARG A 35 -7.06 5.93 -0.70
CA ARG A 35 -7.51 4.57 -0.41
C ARG A 35 -6.76 4.01 0.79
N THR A 36 -7.49 3.58 1.80
CA THR A 36 -6.91 2.97 2.99
C THR A 36 -7.15 1.46 2.99
N THR A 37 -6.09 0.69 2.86
CA THR A 37 -6.21 -0.75 2.84
C THR A 37 -5.30 -1.39 3.88
N TYR A 38 -5.80 -2.41 4.54
CA TYR A 38 -5.04 -3.12 5.57
C TYR A 38 -4.27 -4.29 4.96
N LEU A 39 -4.32 -4.41 3.65
CA LEU A 39 -3.60 -5.46 2.94
C LEU A 39 -2.63 -4.85 1.95
N ASP A 40 -1.70 -5.66 1.44
CA ASP A 40 -0.69 -5.18 0.50
C ASP A 40 -1.31 -4.95 -0.87
N PRO A 41 -1.39 -3.68 -1.30
CA PRO A 41 -2.01 -3.31 -2.56
C PRO A 41 -1.10 -3.51 -3.76
N ARG A 42 0.05 -4.13 -3.53
CA ARG A 42 0.96 -4.45 -4.61
C ARG A 42 0.88 -5.94 -4.96
N LEU A 43 0.09 -6.68 -4.19
CA LEU A 43 -0.07 -8.11 -4.42
C LEU A 43 -0.93 -8.39 -5.66
N ALA A 44 -2.25 -8.33 -5.49
CA ALA A 44 -3.18 -8.67 -6.56
C ALA A 44 -3.58 -7.45 -7.36
N PHE A 45 -2.94 -6.33 -7.09
CA PHE A 45 -3.25 -5.09 -7.77
C PHE A 45 -2.03 -4.60 -8.56
N THR A 46 -1.52 -5.48 -9.42
CA THR A 46 -0.33 -5.18 -10.20
C THR A 46 -0.57 -4.06 -11.20
N VAL A 47 -1.43 -4.32 -12.18
CA VAL A 47 -1.77 -3.31 -13.19
C VAL A 47 -2.60 -2.19 -12.57
N ASP A 48 -3.82 -2.53 -12.17
CA ASP A 48 -4.71 -1.60 -11.52
C ASP A 48 -5.88 -2.36 -10.93
N ASP A 49 -6.51 -1.79 -9.92
CA ASP A 49 -7.70 -2.39 -9.32
C ASP A 49 -8.90 -2.09 -10.19
N ASN A 50 -9.10 -2.90 -11.22
CA ASN A 50 -10.22 -2.69 -12.13
C ASN A 50 -10.84 -4.01 -12.61
N PRO A 51 -11.17 -4.95 -11.70
CA PRO A 51 -11.84 -6.19 -12.05
C PRO A 51 -13.37 -6.02 -12.14
N THR A 52 -13.90 -5.11 -11.33
CA THR A 52 -15.32 -4.89 -11.26
C THR A 52 -15.63 -3.41 -11.06
N LYS A 53 -15.76 -3.01 -9.81
CA LYS A 53 -16.03 -1.63 -9.46
C LYS A 53 -15.43 -1.32 -8.09
N PRO A 54 -14.53 -0.34 -8.03
CA PRO A 54 -13.85 0.04 -6.78
C PRO A 54 -14.82 0.57 -5.74
N GLY A 1 -6.92 -9.17 -14.58
CA GLY A 1 -7.77 -8.56 -13.54
C GLY A 1 -7.88 -7.06 -13.70
N SER A 2 -8.91 -6.46 -13.10
CA SER A 2 -9.13 -5.02 -13.20
C SER A 2 -8.11 -4.25 -12.36
N ALA A 3 -6.94 -4.03 -12.94
CA ALA A 3 -5.89 -3.28 -12.27
C ALA A 3 -5.39 -2.15 -13.17
N LYS A 4 -4.58 -1.26 -12.61
CA LYS A 4 -4.02 -0.16 -13.36
C LYS A 4 -2.60 0.10 -12.88
N ARG A 5 -1.75 0.55 -13.80
CA ARG A 5 -0.35 0.80 -13.48
C ARG A 5 -0.19 2.03 -12.60
N LYS A 6 0.79 1.97 -11.72
CA LYS A 6 1.13 3.08 -10.84
C LYS A 6 2.63 3.10 -10.59
N ARG A 7 3.13 4.16 -9.97
CA ARG A 7 4.54 4.24 -9.67
C ARG A 7 4.88 3.38 -8.46
N VAL A 8 5.31 2.16 -8.72
CA VAL A 8 5.69 1.23 -7.66
C VAL A 8 7.07 1.58 -7.09
N ALA A 9 7.39 1.00 -5.95
CA ALA A 9 8.66 1.24 -5.30
C ALA A 9 9.07 0.03 -4.46
N GLY A 10 10.04 0.23 -3.56
CA GLY A 10 10.53 -0.86 -2.73
C GLY A 10 9.50 -1.34 -1.72
N ASP A 11 9.19 -0.49 -0.76
CA ASP A 11 8.23 -0.84 0.29
C ASP A 11 6.80 -0.68 -0.23
N LEU A 12 6.27 0.53 -0.16
CA LEU A 12 5.01 0.84 -0.81
C LEU A 12 5.27 1.63 -2.09
N PRO A 13 4.35 1.55 -3.05
CA PRO A 13 4.37 2.42 -4.22
C PRO A 13 4.35 3.90 -3.82
N TYR A 14 4.62 4.77 -4.78
CA TYR A 14 4.77 6.20 -4.52
C TYR A 14 3.53 6.79 -3.84
N GLY A 15 2.34 6.32 -4.22
CA GLY A 15 1.12 6.84 -3.65
C GLY A 15 0.82 6.28 -2.27
N TRP A 16 1.37 5.11 -1.99
CA TRP A 16 1.05 4.39 -0.75
C TRP A 16 1.95 4.80 0.40
N GLU A 17 1.35 4.81 1.59
CA GLU A 17 2.06 5.09 2.83
C GLU A 17 1.74 4.02 3.85
N GLN A 18 2.71 3.70 4.70
CA GLN A 18 2.53 2.72 5.75
C GLN A 18 2.21 3.42 7.07
N GLU A 19 0.94 3.38 7.46
CA GLU A 19 0.49 4.02 8.69
C GLU A 19 0.03 2.97 9.69
N THR A 20 -0.12 3.37 10.93
CA THR A 20 -0.60 2.48 11.97
C THR A 20 -1.92 2.98 12.54
N ASP A 21 -2.79 2.04 12.90
CA ASP A 21 -4.08 2.40 13.47
C ASP A 21 -3.93 2.71 14.95
N GLU A 22 -5.05 3.01 15.58
CA GLU A 22 -5.07 3.43 16.98
C GLU A 22 -4.61 2.29 17.91
N ASN A 23 -4.83 1.05 17.49
CA ASN A 23 -4.46 -0.11 18.29
C ASN A 23 -3.00 -0.48 18.06
N GLY A 24 -2.61 -0.51 16.80
CA GLY A 24 -1.24 -0.89 16.45
C GLY A 24 -1.21 -1.79 15.23
N GLN A 25 -2.34 -1.89 14.55
CA GLN A 25 -2.42 -2.64 13.32
C GLN A 25 -1.97 -1.77 12.17
N VAL A 26 -1.13 -2.30 11.30
CA VAL A 26 -0.62 -1.53 10.19
C VAL A 26 -1.57 -1.61 9.00
N PHE A 27 -1.50 -0.59 8.18
CA PHE A 27 -2.32 -0.50 6.98
C PHE A 27 -1.63 0.40 5.98
N PHE A 28 -2.06 0.32 4.74
CA PHE A 28 -1.48 1.09 3.68
C PHE A 28 -2.54 1.99 3.07
N VAL A 29 -2.18 3.23 2.80
CA VAL A 29 -3.14 4.17 2.24
C VAL A 29 -2.57 4.88 1.02
N ASP A 30 -3.31 4.79 -0.07
CA ASP A 30 -2.99 5.52 -1.28
C ASP A 30 -3.40 6.97 -1.08
N HIS A 31 -2.45 7.83 -0.76
CA HIS A 31 -2.74 9.20 -0.39
C HIS A 31 -3.09 10.04 -1.61
N ILE A 32 -2.92 9.46 -2.78
CA ILE A 32 -3.29 10.12 -4.03
C ILE A 32 -4.79 10.37 -4.07
N ASN A 33 -5.56 9.32 -3.77
CA ASN A 33 -7.02 9.41 -3.78
C ASN A 33 -7.57 9.20 -2.37
N LYS A 34 -6.65 9.06 -1.42
CA LYS A 34 -7.00 8.94 0.01
C LYS A 34 -7.88 7.72 0.29
N ARG A 35 -7.36 6.53 0.05
CA ARG A 35 -8.05 5.31 0.42
C ARG A 35 -7.19 4.46 1.33
N THR A 36 -7.73 4.10 2.48
CA THR A 36 -7.02 3.32 3.47
C THR A 36 -7.39 1.84 3.37
N THR A 37 -6.41 1.00 3.12
CA THR A 37 -6.64 -0.43 3.06
C THR A 37 -5.69 -1.17 4.01
N TYR A 38 -6.20 -2.17 4.70
CA TYR A 38 -5.38 -2.98 5.59
C TYR A 38 -4.71 -4.10 4.81
N LEU A 39 -5.18 -4.29 3.58
CA LEU A 39 -4.63 -5.32 2.71
C LEU A 39 -3.38 -4.81 2.02
N ASP A 40 -2.47 -5.72 1.73
CA ASP A 40 -1.20 -5.41 1.14
C ASP A 40 -1.33 -5.16 -0.36
N PRO A 41 -0.97 -3.96 -0.83
CA PRO A 41 -1.06 -3.60 -2.24
C PRO A 41 0.19 -4.01 -3.01
N ARG A 42 0.72 -5.18 -2.69
CA ARG A 42 1.91 -5.68 -3.36
C ARG A 42 1.57 -6.90 -4.20
N LEU A 43 0.38 -6.86 -4.81
CA LEU A 43 -0.12 -7.97 -5.59
C LEU A 43 -0.20 -7.60 -7.08
N ALA A 44 -1.28 -6.92 -7.47
CA ALA A 44 -1.50 -6.57 -8.86
C ALA A 44 -0.79 -5.27 -9.23
N PHE A 45 -0.06 -4.72 -8.27
CA PHE A 45 0.64 -3.47 -8.47
C PHE A 45 2.05 -3.76 -8.99
N THR A 46 2.13 -4.06 -10.28
CA THR A 46 3.39 -4.39 -10.92
C THR A 46 3.47 -3.72 -12.30
N VAL A 47 4.46 -4.06 -13.11
CA VAL A 47 4.61 -3.45 -14.41
C VAL A 47 3.74 -4.15 -15.46
N ASP A 48 2.43 -4.08 -15.24
CA ASP A 48 1.47 -4.53 -16.24
C ASP A 48 0.76 -3.30 -16.78
N ASP A 49 0.74 -3.15 -18.10
CA ASP A 49 0.24 -1.93 -18.73
C ASP A 49 -1.21 -1.65 -18.38
N ASN A 50 -2.11 -2.32 -19.08
CA ASN A 50 -3.57 -2.10 -18.94
C ASN A 50 -3.88 -0.60 -18.82
N PRO A 51 -3.66 0.18 -19.89
CA PRO A 51 -3.83 1.63 -19.87
C PRO A 51 -5.28 2.06 -20.01
N THR A 52 -6.15 1.49 -19.19
CA THR A 52 -7.56 1.84 -19.20
C THR A 52 -7.79 3.18 -18.51
N LYS A 53 -8.95 3.77 -18.74
CA LYS A 53 -9.32 5.01 -18.08
C LYS A 53 -9.49 4.77 -16.59
N PRO A 54 -9.25 5.80 -15.75
CA PRO A 54 -9.36 5.69 -14.30
C PRO A 54 -10.72 5.15 -13.85
N GLY A 1 13.86 -8.43 12.26
CA GLY A 1 15.28 -8.00 12.19
C GLY A 1 15.48 -6.63 12.83
N SER A 2 16.71 -6.17 12.85
CA SER A 2 17.04 -4.88 13.43
C SER A 2 16.63 -3.75 12.48
N ALA A 3 15.35 -3.40 12.53
CA ALA A 3 14.82 -2.32 11.72
C ALA A 3 13.82 -1.50 12.50
N LYS A 4 14.17 -0.24 12.76
CA LYS A 4 13.30 0.66 13.51
C LYS A 4 11.96 0.85 12.80
N ARG A 5 12.03 0.94 11.48
CA ARG A 5 10.84 1.05 10.63
C ARG A 5 9.95 2.22 11.06
N LYS A 6 10.56 3.36 11.33
CA LYS A 6 9.82 4.55 11.72
C LYS A 6 9.28 5.24 10.48
N ARG A 7 8.20 4.67 9.94
CA ARG A 7 7.55 5.14 8.70
C ARG A 7 8.39 4.75 7.48
N VAL A 8 9.69 5.04 7.56
CA VAL A 8 10.61 4.72 6.49
C VAL A 8 10.92 3.23 6.46
N ALA A 9 10.63 2.60 5.35
CA ALA A 9 10.95 1.19 5.14
C ALA A 9 11.40 0.95 3.71
N GLY A 10 10.95 1.83 2.80
CA GLY A 10 11.29 1.68 1.40
C GLY A 10 10.56 0.51 0.78
N ASP A 11 9.30 0.36 1.13
CA ASP A 11 8.51 -0.78 0.71
C ASP A 11 7.46 -0.39 -0.33
N LEU A 12 6.76 0.71 -0.06
CA LEU A 12 5.62 1.11 -0.87
C LEU A 12 5.98 2.13 -1.94
N PRO A 13 5.12 2.26 -2.97
CA PRO A 13 5.21 3.32 -3.98
C PRO A 13 5.14 4.71 -3.36
N TYR A 14 5.33 5.73 -4.18
CA TYR A 14 5.37 7.11 -3.72
C TYR A 14 4.03 7.55 -3.13
N GLY A 15 2.93 7.16 -3.77
CA GLY A 15 1.62 7.58 -3.34
C GLY A 15 1.20 6.95 -2.02
N TRP A 16 1.76 5.80 -1.71
CA TRP A 16 1.38 5.04 -0.53
C TRP A 16 2.15 5.46 0.70
N GLU A 17 1.46 5.45 1.83
CA GLU A 17 2.06 5.72 3.12
C GLU A 17 1.88 4.52 4.03
N GLN A 18 2.79 4.37 4.98
CA GLN A 18 2.70 3.30 5.96
C GLN A 18 2.24 3.87 7.29
N GLU A 19 0.97 3.66 7.58
CA GLU A 19 0.35 4.23 8.77
C GLU A 19 -0.04 3.13 9.74
N THR A 20 -0.33 3.51 10.98
CA THR A 20 -0.75 2.57 12.00
C THR A 20 -2.17 2.86 12.45
N ASP A 21 -2.95 1.81 12.63
CA ASP A 21 -4.33 1.95 13.06
C ASP A 21 -4.39 2.21 14.56
N GLU A 22 -5.61 2.38 15.05
CA GLU A 22 -5.85 2.70 16.45
C GLU A 22 -5.29 1.62 17.37
N ASN A 23 -5.45 0.38 16.95
CA ASN A 23 -4.98 -0.76 17.73
C ASN A 23 -3.47 -0.86 17.70
N GLY A 24 -2.91 -0.81 16.50
CA GLY A 24 -1.49 -0.94 16.32
C GLY A 24 -1.13 -1.79 15.12
N GLN A 25 -2.12 -2.09 14.30
CA GLN A 25 -1.91 -2.82 13.07
C GLN A 25 -1.53 -1.85 11.97
N VAL A 26 -0.65 -2.27 11.10
CA VAL A 26 -0.21 -1.40 10.03
C VAL A 26 -1.14 -1.52 8.83
N PHE A 27 -1.13 -0.49 8.02
CA PHE A 27 -1.93 -0.44 6.81
C PHE A 27 -1.36 0.59 5.85
N PHE A 28 -1.73 0.48 4.60
CA PHE A 28 -1.19 1.34 3.57
C PHE A 28 -2.30 2.19 2.97
N VAL A 29 -2.03 3.48 2.84
CA VAL A 29 -3.00 4.39 2.25
C VAL A 29 -2.34 5.24 1.19
N ASP A 30 -3.00 5.28 0.03
CA ASP A 30 -2.58 6.16 -1.03
C ASP A 30 -3.10 7.56 -0.72
N HIS A 31 -2.26 8.57 -0.83
CA HIS A 31 -2.64 9.90 -0.41
C HIS A 31 -3.03 10.78 -1.58
N ILE A 32 -3.28 10.14 -2.72
CA ILE A 32 -3.81 10.82 -3.89
C ILE A 32 -5.32 10.61 -3.98
N ASN A 33 -5.73 9.34 -3.96
CA ASN A 33 -7.15 8.99 -4.02
C ASN A 33 -7.70 8.77 -2.62
N LYS A 34 -6.78 8.61 -1.67
CA LYS A 34 -7.12 8.44 -0.24
C LYS A 34 -7.67 7.06 0.02
N ARG A 35 -7.10 6.04 -0.61
CA ARG A 35 -7.53 4.67 -0.41
C ARG A 35 -6.75 4.04 0.74
N THR A 36 -7.46 3.34 1.59
CA THR A 36 -6.86 2.69 2.75
C THR A 36 -7.00 1.17 2.63
N THR A 37 -5.88 0.48 2.58
CA THR A 37 -5.89 -0.98 2.55
C THR A 37 -5.03 -1.54 3.67
N TYR A 38 -5.58 -2.50 4.40
CA TYR A 38 -4.85 -3.13 5.49
C TYR A 38 -4.08 -4.33 4.96
N LEU A 39 -4.20 -4.56 3.66
CA LEU A 39 -3.46 -5.61 2.98
C LEU A 39 -2.49 -5.02 1.99
N ASP A 40 -1.53 -5.82 1.56
CA ASP A 40 -0.49 -5.37 0.63
C ASP A 40 -1.10 -5.05 -0.75
N PRO A 41 -0.93 -3.81 -1.22
CA PRO A 41 -1.52 -3.34 -2.48
C PRO A 41 -0.89 -3.95 -3.72
N ARG A 42 0.30 -4.51 -3.59
CA ARG A 42 0.99 -5.07 -4.74
C ARG A 42 0.61 -6.54 -4.95
N LEU A 43 -0.35 -7.02 -4.16
CA LEU A 43 -0.83 -8.38 -4.29
C LEU A 43 -1.96 -8.48 -5.30
N ALA A 44 -3.20 -8.40 -4.80
CA ALA A 44 -4.38 -8.64 -5.64
C ALA A 44 -4.82 -7.38 -6.37
N PHE A 45 -4.05 -6.31 -6.21
CA PHE A 45 -4.36 -5.05 -6.86
C PHE A 45 -3.41 -4.81 -8.02
N THR A 46 -2.58 -5.81 -8.30
CA THR A 46 -1.62 -5.73 -9.40
C THR A 46 -1.40 -7.10 -10.04
N VAL A 47 -2.07 -7.31 -11.17
CA VAL A 47 -1.92 -8.52 -11.98
C VAL A 47 -2.66 -9.72 -11.38
N ASP A 48 -3.05 -10.65 -12.25
CA ASP A 48 -3.75 -11.88 -11.86
C ASP A 48 -5.17 -11.59 -11.40
N ASP A 49 -6.07 -11.53 -12.37
CA ASP A 49 -7.47 -11.22 -12.10
C ASP A 49 -8.16 -12.40 -11.45
N ASN A 50 -8.93 -12.12 -10.39
CA ASN A 50 -9.65 -13.17 -9.67
C ASN A 50 -10.68 -12.58 -8.71
N PRO A 51 -10.28 -11.62 -7.82
CA PRO A 51 -11.23 -10.97 -6.90
C PRO A 51 -12.15 -9.98 -7.59
N THR A 52 -12.83 -10.45 -8.63
CA THR A 52 -13.75 -9.62 -9.39
C THR A 52 -15.19 -9.90 -8.98
N LYS A 53 -15.38 -10.17 -7.68
CA LYS A 53 -16.69 -10.43 -7.12
C LYS A 53 -16.66 -10.21 -5.61
N PRO A 54 -17.16 -9.06 -5.15
CA PRO A 54 -17.13 -8.69 -3.73
C PRO A 54 -18.21 -9.40 -2.93
N GLY A 1 -1.42 6.72 12.93
CA GLY A 1 -2.55 7.64 13.21
C GLY A 1 -2.14 9.10 13.15
N SER A 2 -2.65 9.81 12.15
CA SER A 2 -2.34 11.23 11.94
C SER A 2 -0.85 11.46 11.66
N ALA A 3 -0.05 11.51 12.71
CA ALA A 3 1.37 11.78 12.56
C ALA A 3 2.20 10.56 12.93
N LYS A 4 3.01 10.12 11.99
CA LYS A 4 3.92 9.00 12.24
C LYS A 4 5.34 9.39 11.84
N ARG A 5 6.15 9.73 12.83
CA ARG A 5 7.53 10.10 12.58
C ARG A 5 8.35 8.88 12.18
N LYS A 6 9.43 9.12 11.44
CA LYS A 6 10.27 8.04 10.92
C LYS A 6 9.46 7.18 9.96
N ARG A 7 8.86 7.80 8.97
CA ARG A 7 8.04 7.10 7.98
C ARG A 7 8.76 7.02 6.64
N VAL A 8 10.08 7.12 6.67
CA VAL A 8 10.89 7.11 5.46
C VAL A 8 11.23 5.68 5.05
N ALA A 9 10.21 4.86 4.90
CA ALA A 9 10.39 3.46 4.55
C ALA A 9 10.05 3.21 3.08
N GLY A 10 11.03 2.75 2.32
CA GLY A 10 10.83 2.47 0.92
C GLY A 10 10.21 1.11 0.69
N ASP A 11 8.97 0.96 1.15
CA ASP A 11 8.25 -0.31 1.00
C ASP A 11 7.25 -0.22 -0.14
N LEU A 12 6.43 0.82 -0.10
CA LEU A 12 5.37 1.02 -1.07
C LEU A 12 5.74 2.09 -2.08
N PRO A 13 4.92 2.23 -3.15
CA PRO A 13 5.00 3.37 -4.08
C PRO A 13 4.97 4.71 -3.34
N TYR A 14 5.26 5.78 -4.07
CA TYR A 14 5.40 7.10 -3.46
C TYR A 14 4.07 7.59 -2.90
N GLY A 15 2.98 7.30 -3.60
CA GLY A 15 1.67 7.74 -3.17
C GLY A 15 1.24 7.12 -1.85
N TRP A 16 1.76 5.93 -1.58
CA TRP A 16 1.38 5.18 -0.39
C TRP A 16 2.18 5.59 0.83
N GLU A 17 1.50 5.62 1.97
CA GLU A 17 2.14 5.87 3.24
C GLU A 17 1.84 4.74 4.20
N GLN A 18 2.85 4.33 4.96
CA GLN A 18 2.70 3.25 5.93
C GLN A 18 2.22 3.80 7.27
N GLU A 19 0.94 3.65 7.53
CA GLU A 19 0.31 4.15 8.74
C GLU A 19 0.09 3.04 9.75
N THR A 20 -0.33 3.42 10.94
CA THR A 20 -0.70 2.47 11.98
C THR A 20 -2.01 2.88 12.64
N ASP A 21 -2.90 1.91 12.81
CA ASP A 21 -4.23 2.18 13.33
C ASP A 21 -4.24 2.24 14.87
N GLU A 22 -5.43 2.36 15.44
CA GLU A 22 -5.61 2.49 16.88
C GLU A 22 -5.30 1.19 17.60
N ASN A 23 -5.55 0.06 16.93
CA ASN A 23 -5.26 -1.25 17.49
C ASN A 23 -3.78 -1.53 17.42
N GLY A 24 -3.12 -0.88 16.48
CA GLY A 24 -1.69 -1.05 16.31
C GLY A 24 -1.36 -1.89 15.10
N GLN A 25 -2.37 -2.14 14.28
CA GLN A 25 -2.19 -2.83 13.03
C GLN A 25 -1.70 -1.85 11.99
N VAL A 26 -0.84 -2.31 11.10
CA VAL A 26 -0.31 -1.44 10.07
C VAL A 26 -1.24 -1.45 8.87
N PHE A 27 -1.19 -0.36 8.12
CA PHE A 27 -1.99 -0.23 6.92
C PHE A 27 -1.40 0.83 6.02
N PHE A 28 -1.70 0.73 4.74
CA PHE A 28 -1.14 1.59 3.74
C PHE A 28 -2.22 2.48 3.15
N VAL A 29 -1.94 3.76 3.05
CA VAL A 29 -2.90 4.69 2.52
C VAL A 29 -2.33 5.48 1.37
N ASP A 30 -3.02 5.40 0.23
CA ASP A 30 -2.70 6.22 -0.91
C ASP A 30 -3.24 7.61 -0.68
N HIS A 31 -2.43 8.61 -0.96
CA HIS A 31 -2.80 9.98 -0.66
C HIS A 31 -3.29 10.71 -1.91
N ILE A 32 -3.23 10.02 -3.04
CA ILE A 32 -3.71 10.57 -4.29
C ILE A 32 -5.19 10.28 -4.47
N ASN A 33 -5.53 9.00 -4.53
CA ASN A 33 -6.94 8.60 -4.67
C ASN A 33 -7.45 8.01 -3.36
N LYS A 34 -6.80 8.41 -2.26
CA LYS A 34 -7.19 8.09 -0.88
C LYS A 34 -7.76 6.69 -0.70
N ARG A 35 -6.88 5.69 -0.71
CA ARG A 35 -7.28 4.31 -0.40
C ARG A 35 -6.48 3.78 0.79
N THR A 36 -7.18 3.43 1.85
CA THR A 36 -6.55 2.86 3.04
C THR A 36 -6.73 1.34 3.04
N THR A 37 -5.63 0.62 2.92
CA THR A 37 -5.67 -0.84 2.92
C THR A 37 -4.72 -1.40 3.97
N TYR A 38 -5.21 -2.37 4.75
CA TYR A 38 -4.40 -2.98 5.80
C TYR A 38 -3.42 -3.97 5.19
N LEU A 39 -3.79 -4.51 4.04
CA LEU A 39 -2.97 -5.50 3.36
C LEU A 39 -2.23 -4.87 2.20
N ASP A 40 -1.28 -5.60 1.64
CA ASP A 40 -0.44 -5.09 0.55
C ASP A 40 -1.28 -4.80 -0.69
N PRO A 41 -1.19 -3.58 -1.22
CA PRO A 41 -1.95 -3.14 -2.38
C PRO A 41 -1.25 -3.44 -3.70
N ARG A 42 -0.55 -4.56 -3.75
CA ARG A 42 0.15 -4.97 -4.95
C ARG A 42 -0.21 -6.40 -5.35
N LEU A 43 -0.51 -7.22 -4.33
CA LEU A 43 -0.82 -8.64 -4.54
C LEU A 43 -1.89 -8.84 -5.60
N ALA A 44 -3.13 -8.49 -5.27
CA ALA A 44 -4.24 -8.65 -6.18
C ALA A 44 -4.66 -7.32 -6.78
N PHE A 45 -3.86 -6.29 -6.51
CA PHE A 45 -4.17 -4.94 -6.97
C PHE A 45 -3.32 -4.59 -8.18
N THR A 46 -2.88 -5.61 -8.90
CA THR A 46 -2.08 -5.42 -10.10
C THR A 46 -2.91 -5.79 -11.33
N VAL A 47 -2.64 -6.97 -11.88
CA VAL A 47 -3.41 -7.48 -13.02
C VAL A 47 -3.51 -8.99 -12.94
N ASP A 48 -2.37 -9.63 -12.63
CA ASP A 48 -2.29 -11.08 -12.46
C ASP A 48 -2.70 -11.82 -13.73
N ASP A 49 -2.45 -11.18 -14.86
CA ASP A 49 -2.73 -11.76 -16.17
C ASP A 49 -1.85 -11.11 -17.22
N ASN A 50 -0.63 -10.77 -16.82
CA ASN A 50 0.32 -10.08 -17.70
C ASN A 50 1.64 -10.86 -17.83
N PRO A 51 2.28 -11.25 -16.71
CA PRO A 51 3.53 -12.05 -16.76
C PRO A 51 3.31 -13.42 -17.39
N THR A 52 2.99 -14.41 -16.57
CA THR A 52 2.71 -15.75 -17.07
C THR A 52 1.55 -16.37 -16.28
N LYS A 53 0.37 -16.33 -16.88
CA LYS A 53 -0.80 -16.94 -16.30
C LYS A 53 -0.81 -18.46 -16.53
N PRO A 54 -0.55 -18.94 -17.77
CA PRO A 54 -0.44 -20.37 -18.05
C PRO A 54 0.72 -21.02 -17.29
N GLY A 1 -8.30 -4.64 -6.46
CA GLY A 1 -8.32 -3.92 -7.76
C GLY A 1 -6.94 -3.91 -8.40
N SER A 2 -6.83 -4.51 -9.57
CA SER A 2 -5.55 -4.61 -10.26
C SER A 2 -5.33 -3.45 -11.23
N ALA A 3 -6.25 -2.51 -11.25
CA ALA A 3 -6.18 -1.39 -12.21
C ALA A 3 -5.39 -0.22 -11.64
N LYS A 4 -4.47 -0.51 -10.72
CA LYS A 4 -3.62 0.52 -10.14
C LYS A 4 -2.23 0.48 -10.74
N ARG A 5 -2.07 -0.37 -11.77
CA ARG A 5 -0.81 -0.55 -12.49
C ARG A 5 0.21 -1.31 -11.63
N LYS A 6 1.30 -1.76 -12.25
CA LYS A 6 2.30 -2.55 -11.55
C LYS A 6 3.36 -1.63 -10.94
N ARG A 7 2.90 -0.63 -10.22
CA ARG A 7 3.80 0.36 -9.61
C ARG A 7 4.33 -0.11 -8.27
N VAL A 8 5.05 -1.22 -8.29
CA VAL A 8 5.62 -1.78 -7.07
C VAL A 8 7.14 -1.94 -7.21
N ALA A 9 7.85 -0.94 -6.74
CA ALA A 9 9.31 -0.96 -6.78
C ALA A 9 9.86 -1.35 -5.41
N GLY A 10 9.53 -2.56 -4.99
CA GLY A 10 9.90 -3.01 -3.66
C GLY A 10 8.94 -2.53 -2.60
N ASP A 11 8.75 -1.21 -2.56
CA ASP A 11 7.80 -0.59 -1.66
C ASP A 11 6.46 -0.44 -2.35
N LEU A 12 5.58 0.34 -1.76
CA LEU A 12 4.29 0.65 -2.35
C LEU A 12 4.45 1.72 -3.41
N PRO A 13 3.40 1.96 -4.22
CA PRO A 13 3.37 3.12 -5.11
C PRO A 13 3.57 4.41 -4.33
N TYR A 14 4.01 5.45 -5.03
CA TYR A 14 4.42 6.71 -4.41
C TYR A 14 3.32 7.32 -3.54
N GLY A 15 2.08 7.18 -3.98
CA GLY A 15 0.96 7.70 -3.22
C GLY A 15 0.73 6.98 -1.91
N TRP A 16 1.07 5.69 -1.88
CA TRP A 16 0.78 4.85 -0.72
C TRP A 16 1.80 5.02 0.39
N GLU A 17 1.29 5.22 1.59
CA GLU A 17 2.12 5.28 2.78
C GLU A 17 1.80 4.11 3.70
N GLN A 18 2.79 3.67 4.47
CA GLN A 18 2.61 2.59 5.41
C GLN A 18 2.35 3.15 6.80
N GLU A 19 1.10 3.09 7.23
CA GLU A 19 0.70 3.65 8.51
C GLU A 19 0.23 2.57 9.46
N THR A 20 0.13 2.91 10.73
CA THR A 20 -0.41 1.99 11.71
C THR A 20 -1.57 2.62 12.45
N ASP A 21 -2.60 1.84 12.70
CA ASP A 21 -3.78 2.33 13.38
C ASP A 21 -3.55 2.36 14.89
N GLU A 22 -4.58 2.77 15.61
CA GLU A 22 -4.51 2.99 17.05
C GLU A 22 -4.44 1.67 17.82
N ASN A 23 -4.69 0.57 17.14
CA ASN A 23 -4.65 -0.75 17.78
C ASN A 23 -3.35 -1.45 17.43
N GLY A 24 -2.58 -0.84 16.55
CA GLY A 24 -1.32 -1.43 16.13
C GLY A 24 -1.48 -2.30 14.91
N GLN A 25 -2.60 -2.15 14.23
CA GLN A 25 -2.84 -2.84 12.99
C GLN A 25 -2.33 -2.00 11.83
N VAL A 26 -1.46 -2.57 11.02
CA VAL A 26 -0.93 -1.83 9.88
C VAL A 26 -1.94 -1.73 8.77
N PHE A 27 -1.83 -0.65 8.03
CA PHE A 27 -2.66 -0.41 6.88
C PHE A 27 -1.93 0.53 5.94
N PHE A 28 -2.34 0.51 4.69
CA PHE A 28 -1.68 1.29 3.68
C PHE A 28 -2.67 2.27 3.08
N VAL A 29 -2.23 3.50 2.89
CA VAL A 29 -3.11 4.53 2.39
C VAL A 29 -2.49 5.32 1.26
N ASP A 30 -3.19 5.35 0.14
CA ASP A 30 -2.86 6.21 -0.97
C ASP A 30 -3.22 7.64 -0.61
N HIS A 31 -2.23 8.48 -0.39
CA HIS A 31 -2.49 9.85 0.05
C HIS A 31 -2.82 10.75 -1.13
N ILE A 32 -2.79 10.18 -2.33
CA ILE A 32 -3.16 10.92 -3.53
C ILE A 32 -4.62 10.63 -3.88
N ASN A 33 -4.95 9.34 -3.98
CA ASN A 33 -6.30 8.92 -4.35
C ASN A 33 -7.17 8.74 -3.12
N LYS A 34 -6.56 8.88 -1.94
CA LYS A 34 -7.26 8.80 -0.66
C LYS A 34 -7.90 7.43 -0.45
N ARG A 35 -7.07 6.39 -0.42
CA ARG A 35 -7.56 5.03 -0.16
C ARG A 35 -6.84 4.43 1.02
N THR A 36 -7.59 4.09 2.06
CA THR A 36 -7.04 3.42 3.22
C THR A 36 -7.42 1.95 3.23
N THR A 37 -6.45 1.08 2.99
CA THR A 37 -6.71 -0.34 2.94
C THR A 37 -5.82 -1.08 3.94
N TYR A 38 -6.41 -2.03 4.64
CA TYR A 38 -5.68 -2.84 5.62
C TYR A 38 -4.96 -4.00 4.95
N LEU A 39 -5.00 -4.05 3.63
CA LEU A 39 -4.33 -5.10 2.88
C LEU A 39 -3.17 -4.54 2.08
N ASP A 40 -2.19 -5.38 1.83
CA ASP A 40 -0.94 -4.98 1.18
C ASP A 40 -1.13 -4.83 -0.33
N PRO A 41 -1.01 -3.60 -0.85
CA PRO A 41 -1.17 -3.30 -2.28
C PRO A 41 0.06 -3.61 -3.12
N ARG A 42 0.94 -4.47 -2.62
CA ARG A 42 2.11 -4.90 -3.39
C ARG A 42 1.98 -6.34 -3.84
N LEU A 43 0.88 -6.99 -3.48
CA LEU A 43 0.69 -8.40 -3.79
C LEU A 43 0.06 -8.60 -5.17
N ALA A 44 -1.27 -8.45 -5.22
CA ALA A 44 -2.02 -8.75 -6.44
C ALA A 44 -2.00 -7.61 -7.45
N PHE A 45 -1.14 -6.64 -7.19
CA PHE A 45 -1.03 -5.48 -8.06
C PHE A 45 0.11 -5.66 -9.06
N THR A 46 0.97 -6.63 -8.77
CA THR A 46 2.08 -6.96 -9.64
C THR A 46 1.62 -7.84 -10.80
N VAL A 47 0.95 -7.23 -11.77
CA VAL A 47 0.52 -7.95 -12.96
C VAL A 47 1.69 -8.17 -13.91
N ASP A 48 2.71 -8.85 -13.42
CA ASP A 48 3.92 -9.10 -14.18
C ASP A 48 3.73 -10.33 -15.06
N ASP A 49 3.17 -11.37 -14.48
CA ASP A 49 2.85 -12.58 -15.23
C ASP A 49 1.44 -12.49 -15.79
N ASN A 50 1.14 -13.32 -16.77
CA ASN A 50 -0.17 -13.30 -17.40
C ASN A 50 -1.17 -14.13 -16.59
N PRO A 51 -2.24 -13.48 -16.13
CA PRO A 51 -3.28 -14.16 -15.33
C PRO A 51 -4.27 -14.93 -16.19
N THR A 52 -3.79 -16.00 -16.83
CA THR A 52 -4.62 -16.86 -17.64
C THR A 52 -5.74 -17.46 -16.81
N LYS A 53 -5.38 -18.37 -15.92
CA LYS A 53 -6.32 -18.99 -14.99
C LYS A 53 -5.55 -19.82 -13.97
N PRO A 54 -5.86 -19.62 -12.67
CA PRO A 54 -5.18 -20.34 -11.59
C PRO A 54 -5.46 -21.83 -11.64
N GLY A 1 9.46 -8.97 -16.44
CA GLY A 1 8.15 -9.54 -16.02
C GLY A 1 7.00 -8.97 -16.82
N SER A 2 5.79 -9.32 -16.41
CA SER A 2 4.59 -8.82 -17.07
C SER A 2 3.87 -7.82 -16.16
N ALA A 3 3.86 -8.12 -14.86
CA ALA A 3 3.21 -7.26 -13.89
C ALA A 3 4.02 -6.00 -13.64
N LYS A 4 3.40 -5.01 -13.02
CA LYS A 4 4.05 -3.73 -12.76
C LYS A 4 4.97 -3.83 -11.54
N ARG A 5 6.03 -4.60 -11.68
CA ARG A 5 7.01 -4.76 -10.61
C ARG A 5 8.17 -3.79 -10.80
N LYS A 6 8.37 -3.37 -12.06
CA LYS A 6 9.42 -2.41 -12.41
C LYS A 6 10.82 -2.94 -12.04
N ARG A 7 11.39 -2.37 -11.00
CA ARG A 7 12.73 -2.75 -10.54
C ARG A 7 12.96 -2.17 -9.14
N VAL A 8 12.86 -0.86 -9.03
CA VAL A 8 12.98 -0.18 -7.76
C VAL A 8 11.82 0.80 -7.59
N ALA A 9 11.01 0.56 -6.57
CA ALA A 9 9.87 1.43 -6.29
C ALA A 9 9.98 1.98 -4.88
N GLY A 10 11.14 1.76 -4.27
CA GLY A 10 11.35 2.17 -2.91
C GLY A 10 10.71 1.21 -1.94
N ASP A 11 9.84 1.73 -1.09
CA ASP A 11 9.08 0.91 -0.16
C ASP A 11 7.69 0.70 -0.71
N LEU A 12 6.79 1.61 -0.38
CA LEU A 12 5.49 1.69 -1.03
C LEU A 12 5.61 2.60 -2.23
N PRO A 13 4.67 2.54 -3.18
CA PRO A 13 4.63 3.45 -4.31
C PRO A 13 4.58 4.90 -3.82
N TYR A 14 4.89 5.82 -4.72
CA TYR A 14 5.08 7.22 -4.36
C TYR A 14 3.86 7.81 -3.63
N GLY A 15 2.66 7.41 -4.06
CA GLY A 15 1.44 7.91 -3.46
C GLY A 15 1.11 7.29 -2.10
N TRP A 16 1.60 6.08 -1.87
CA TRP A 16 1.22 5.33 -0.67
C TRP A 16 2.04 5.69 0.56
N GLU A 17 1.36 5.68 1.71
CA GLU A 17 1.98 5.87 3.01
C GLU A 17 1.70 4.66 3.89
N GLN A 18 2.63 4.35 4.79
CA GLN A 18 2.47 3.22 5.69
C GLN A 18 1.98 3.72 7.04
N GLU A 19 0.69 3.52 7.29
CA GLU A 19 0.08 3.97 8.51
C GLU A 19 -0.17 2.80 9.44
N THR A 20 -0.49 3.09 10.69
CA THR A 20 -0.88 2.07 11.63
C THR A 20 -2.11 2.53 12.40
N ASP A 21 -3.05 1.62 12.62
CA ASP A 21 -4.24 1.93 13.37
C ASP A 21 -3.91 1.92 14.85
N GLU A 22 -4.87 2.34 15.64
CA GLU A 22 -4.67 2.56 17.07
C GLU A 22 -4.53 1.24 17.83
N ASN A 23 -4.84 0.14 17.16
CA ASN A 23 -4.72 -1.18 17.75
C ASN A 23 -3.42 -1.84 17.29
N GLY A 24 -2.69 -1.13 16.45
CA GLY A 24 -1.39 -1.62 15.99
C GLY A 24 -1.48 -2.45 14.72
N GLN A 25 -2.60 -2.37 14.03
CA GLN A 25 -2.74 -3.02 12.76
C GLN A 25 -2.27 -2.08 11.65
N VAL A 26 -1.28 -2.51 10.90
CA VAL A 26 -0.74 -1.67 9.83
C VAL A 26 -1.68 -1.62 8.65
N PHE A 27 -1.60 -0.54 7.91
CA PHE A 27 -2.37 -0.37 6.71
C PHE A 27 -1.72 0.70 5.84
N PHE A 28 -1.98 0.63 4.57
CA PHE A 28 -1.36 1.54 3.63
C PHE A 28 -2.41 2.46 3.02
N VAL A 29 -2.08 3.73 2.90
CA VAL A 29 -3.01 4.70 2.38
C VAL A 29 -2.37 5.57 1.31
N ASP A 30 -2.97 5.55 0.14
CA ASP A 30 -2.57 6.43 -0.94
C ASP A 30 -3.09 7.83 -0.64
N HIS A 31 -2.22 8.82 -0.69
CA HIS A 31 -2.61 10.18 -0.33
C HIS A 31 -2.91 11.01 -1.56
N ILE A 32 -3.07 10.35 -2.70
CA ILE A 32 -3.41 11.03 -3.94
C ILE A 32 -4.91 11.09 -4.11
N ASN A 33 -5.57 9.94 -4.07
CA ASN A 33 -7.02 9.86 -4.19
C ASN A 33 -7.62 9.22 -2.94
N LYS A 34 -6.76 8.91 -1.98
CA LYS A 34 -7.17 8.49 -0.64
C LYS A 34 -7.71 7.06 -0.62
N ARG A 35 -6.81 6.08 -0.63
CA ARG A 35 -7.21 4.68 -0.49
C ARG A 35 -6.49 4.05 0.70
N THR A 36 -7.25 3.61 1.67
CA THR A 36 -6.71 2.98 2.87
C THR A 36 -6.96 1.48 2.82
N THR A 37 -5.89 0.70 2.74
CA THR A 37 -5.98 -0.75 2.66
C THR A 37 -5.13 -1.40 3.76
N TYR A 38 -5.70 -2.39 4.45
CA TYR A 38 -5.00 -3.09 5.51
C TYR A 38 -4.05 -4.13 4.94
N LEU A 39 -4.27 -4.50 3.69
CA LEU A 39 -3.44 -5.48 3.02
C LEU A 39 -2.52 -4.81 2.02
N ASP A 40 -1.45 -5.50 1.67
CA ASP A 40 -0.43 -4.96 0.76
C ASP A 40 -0.98 -4.85 -0.66
N PRO A 41 -0.85 -3.67 -1.29
CA PRO A 41 -1.40 -3.39 -2.62
C PRO A 41 -0.60 -4.02 -3.76
N ARG A 42 0.29 -4.94 -3.42
CA ARG A 42 1.09 -5.61 -4.44
C ARG A 42 0.80 -7.11 -4.45
N LEU A 43 0.00 -7.56 -3.49
CA LEU A 43 -0.34 -8.98 -3.38
C LEU A 43 -1.50 -9.35 -4.30
N ALA A 44 -2.72 -9.20 -3.80
CA ALA A 44 -3.91 -9.60 -4.53
C ALA A 44 -4.51 -8.41 -5.29
N PHE A 45 -3.75 -7.33 -5.34
CA PHE A 45 -4.19 -6.14 -6.04
C PHE A 45 -3.57 -6.13 -7.43
N THR A 46 -4.26 -6.73 -8.38
CA THR A 46 -3.80 -6.80 -9.75
C THR A 46 -3.71 -5.41 -10.36
N VAL A 47 -4.83 -4.69 -10.33
CA VAL A 47 -4.88 -3.32 -10.83
C VAL A 47 -5.79 -2.48 -9.94
N ASP A 48 -5.19 -1.79 -8.98
CA ASP A 48 -5.95 -0.88 -8.12
C ASP A 48 -6.10 0.47 -8.80
N ASP A 49 -6.89 0.48 -9.87
CA ASP A 49 -7.10 1.67 -10.68
C ASP A 49 -8.39 1.51 -11.47
N ASN A 50 -8.59 0.32 -12.01
CA ASN A 50 -9.78 0.02 -12.79
C ASN A 50 -10.63 -1.01 -12.05
N PRO A 51 -11.98 -0.88 -12.14
CA PRO A 51 -12.90 -1.78 -11.44
C PRO A 51 -12.64 -3.25 -11.75
N THR A 52 -12.40 -3.56 -13.02
CA THR A 52 -12.22 -4.94 -13.46
C THR A 52 -13.47 -5.75 -13.13
N LYS A 53 -14.61 -5.16 -13.41
CA LYS A 53 -15.90 -5.73 -13.04
C LYS A 53 -16.95 -5.32 -14.07
N PRO A 54 -17.97 -6.16 -14.29
CA PRO A 54 -19.11 -5.80 -15.13
C PRO A 54 -19.92 -4.66 -14.51
N GLY A 1 1.98 10.91 -21.55
CA GLY A 1 0.69 10.31 -21.16
C GLY A 1 0.77 9.61 -19.83
N SER A 2 0.04 8.50 -19.70
CA SER A 2 0.00 7.75 -18.46
C SER A 2 1.32 7.04 -18.20
N ALA A 3 1.72 6.99 -16.94
CA ALA A 3 2.93 6.29 -16.53
C ALA A 3 2.56 5.04 -15.74
N LYS A 4 2.01 4.04 -16.44
CA LYS A 4 1.53 2.83 -15.80
C LYS A 4 2.67 1.86 -15.55
N ARG A 5 3.67 2.34 -14.84
CA ARG A 5 4.84 1.55 -14.53
C ARG A 5 4.85 1.21 -13.04
N LYS A 6 5.92 0.56 -12.59
CA LYS A 6 6.08 0.26 -11.16
C LYS A 6 6.41 1.54 -10.41
N ARG A 7 5.38 2.28 -10.03
CA ARG A 7 5.53 3.57 -9.39
C ARG A 7 5.72 3.40 -7.89
N VAL A 8 6.80 2.75 -7.51
CA VAL A 8 7.12 2.53 -6.10
C VAL A 8 8.19 3.49 -5.64
N ALA A 9 8.15 3.84 -4.35
CA ALA A 9 9.10 4.78 -3.79
C ALA A 9 10.10 4.05 -2.91
N GLY A 10 10.07 2.73 -3.00
CA GLY A 10 10.92 1.90 -2.18
C GLY A 10 10.12 0.90 -1.39
N ASP A 11 9.74 1.29 -0.17
CA ASP A 11 8.86 0.48 0.67
C ASP A 11 7.52 0.27 -0.03
N LEU A 12 6.66 1.27 0.02
CA LEU A 12 5.40 1.25 -0.69
C LEU A 12 5.52 2.05 -2.00
N PRO A 13 4.48 2.03 -2.85
CA PRO A 13 4.43 2.87 -4.05
C PRO A 13 4.42 4.36 -3.73
N TYR A 14 4.43 5.18 -4.77
CA TYR A 14 4.60 6.62 -4.67
C TYR A 14 3.51 7.28 -3.81
N GLY A 15 2.28 6.80 -3.93
CA GLY A 15 1.18 7.42 -3.20
C GLY A 15 0.93 6.82 -1.84
N TRP A 16 1.48 5.64 -1.60
CA TRP A 16 1.14 4.87 -0.39
C TRP A 16 2.03 5.22 0.79
N GLU A 17 1.40 5.30 1.95
CA GLU A 17 2.11 5.50 3.21
C GLU A 17 1.83 4.34 4.15
N GLN A 18 2.88 3.80 4.76
CA GLN A 18 2.72 2.74 5.73
C GLN A 18 2.35 3.32 7.08
N GLU A 19 1.08 3.19 7.44
CA GLU A 19 0.58 3.74 8.69
C GLU A 19 0.14 2.63 9.62
N THR A 20 -0.02 2.97 10.87
CA THR A 20 -0.56 2.04 11.84
C THR A 20 -1.70 2.71 12.59
N ASP A 21 -2.76 1.96 12.83
CA ASP A 21 -3.93 2.49 13.49
C ASP A 21 -3.66 2.74 14.98
N GLU A 22 -4.65 3.25 15.65
CA GLU A 22 -4.52 3.67 17.04
C GLU A 22 -4.32 2.48 17.98
N ASN A 23 -4.68 1.30 17.52
CA ASN A 23 -4.56 0.10 18.33
C ASN A 23 -3.23 -0.59 18.07
N GLY A 24 -2.87 -0.68 16.79
CA GLY A 24 -1.60 -1.27 16.43
C GLY A 24 -1.70 -2.16 15.21
N GLN A 25 -2.76 -1.99 14.44
CA GLN A 25 -2.94 -2.70 13.20
C GLN A 25 -2.35 -1.88 12.06
N VAL A 26 -1.47 -2.48 11.27
CA VAL A 26 -0.86 -1.77 10.16
C VAL A 26 -1.81 -1.71 8.98
N PHE A 27 -1.62 -0.69 8.17
CA PHE A 27 -2.40 -0.50 6.97
C PHE A 27 -1.71 0.49 6.05
N PHE A 28 -2.06 0.44 4.79
CA PHE A 28 -1.44 1.29 3.80
C PHE A 28 -2.48 2.21 3.21
N VAL A 29 -2.14 3.46 3.01
CA VAL A 29 -3.08 4.41 2.44
C VAL A 29 -2.44 5.21 1.31
N ASP A 30 -3.10 5.14 0.17
CA ASP A 30 -2.76 5.99 -0.97
C ASP A 30 -3.25 7.39 -0.67
N HIS A 31 -2.33 8.29 -0.39
CA HIS A 31 -2.70 9.64 0.03
C HIS A 31 -3.03 10.52 -1.18
N ILE A 32 -2.94 9.93 -2.36
CA ILE A 32 -3.30 10.62 -3.59
C ILE A 32 -4.72 10.26 -3.99
N ASN A 33 -4.96 8.96 -4.12
CA ASN A 33 -6.24 8.44 -4.57
C ASN A 33 -7.16 8.12 -3.40
N LYS A 34 -6.65 8.35 -2.18
CA LYS A 34 -7.41 8.19 -0.94
C LYS A 34 -7.93 6.76 -0.78
N ARG A 35 -7.01 5.80 -0.70
CA ARG A 35 -7.38 4.42 -0.44
C ARG A 35 -6.65 3.89 0.78
N THR A 36 -7.41 3.51 1.79
CA THR A 36 -6.86 2.91 3.00
C THR A 36 -7.11 1.40 3.00
N THR A 37 -6.05 0.62 2.91
CA THR A 37 -6.19 -0.82 2.88
C THR A 37 -5.34 -1.47 3.97
N TYR A 38 -5.94 -2.39 4.70
CA TYR A 38 -5.23 -3.10 5.76
C TYR A 38 -4.46 -4.29 5.19
N LEU A 39 -4.63 -4.52 3.89
CA LEU A 39 -3.89 -5.56 3.20
C LEU A 39 -2.98 -4.96 2.14
N ASP A 40 -2.12 -5.79 1.56
CA ASP A 40 -1.11 -5.35 0.61
C ASP A 40 -1.72 -5.10 -0.77
N PRO A 41 -1.59 -3.86 -1.29
CA PRO A 41 -2.10 -3.50 -2.60
C PRO A 41 -1.04 -3.60 -3.70
N ARG A 42 0.12 -4.14 -3.35
CA ARG A 42 1.23 -4.22 -4.28
C ARG A 42 1.20 -5.56 -5.02
N LEU A 43 0.40 -6.49 -4.50
CA LEU A 43 0.26 -7.80 -5.12
C LEU A 43 -0.51 -7.72 -6.44
N ALA A 44 -1.83 -7.87 -6.37
CA ALA A 44 -2.65 -7.93 -7.58
C ALA A 44 -3.44 -6.64 -7.80
N PHE A 45 -3.23 -5.66 -6.94
CA PHE A 45 -4.03 -4.44 -6.98
C PHE A 45 -3.36 -3.38 -7.84
N THR A 46 -2.40 -3.79 -8.65
CA THR A 46 -1.69 -2.86 -9.52
C THR A 46 -2.06 -3.09 -10.99
N VAL A 47 -2.75 -4.19 -11.26
CA VAL A 47 -3.08 -4.55 -12.64
C VAL A 47 -4.53 -5.01 -12.76
N ASP A 48 -4.77 -5.96 -13.65
CA ASP A 48 -6.10 -6.48 -13.91
C ASP A 48 -6.44 -7.62 -12.96
N ASP A 49 -7.47 -8.38 -13.28
CA ASP A 49 -7.87 -9.52 -12.49
C ASP A 49 -6.92 -10.69 -12.72
N ASN A 50 -6.27 -11.13 -11.65
CA ASN A 50 -5.34 -12.25 -11.73
C ASN A 50 -6.13 -13.56 -11.80
N PRO A 51 -5.85 -14.39 -12.81
CA PRO A 51 -6.54 -15.65 -13.03
C PRO A 51 -5.79 -16.86 -12.46
N THR A 52 -6.07 -17.18 -11.20
CA THR A 52 -5.56 -18.41 -10.61
C THR A 52 -6.74 -19.27 -10.15
N LYS A 53 -7.92 -18.92 -10.63
CA LYS A 53 -9.14 -19.63 -10.29
C LYS A 53 -9.60 -20.49 -11.45
N PRO A 54 -10.26 -21.61 -11.16
CA PRO A 54 -10.79 -22.51 -12.19
C PRO A 54 -12.14 -22.03 -12.73
N GLY A 1 21.73 -5.48 10.61
CA GLY A 1 20.54 -5.02 9.85
C GLY A 1 20.75 -3.63 9.29
N SER A 2 19.86 -3.20 8.41
CA SER A 2 19.96 -1.88 7.79
C SER A 2 19.43 -0.80 8.73
N ALA A 3 20.19 -0.50 9.77
CA ALA A 3 19.83 0.55 10.72
C ALA A 3 20.09 1.93 10.13
N LYS A 4 21.16 2.02 9.35
CA LYS A 4 21.54 3.28 8.71
C LYS A 4 20.76 3.45 7.40
N ARG A 5 19.48 3.73 7.52
CA ARG A 5 18.61 3.86 6.36
C ARG A 5 18.72 5.25 5.74
N LYS A 6 18.86 5.28 4.42
CA LYS A 6 18.85 6.54 3.68
C LYS A 6 17.41 7.00 3.47
N ARG A 7 17.24 8.13 2.78
CA ARG A 7 15.89 8.65 2.52
C ARG A 7 15.15 7.79 1.49
N VAL A 8 14.46 6.77 1.99
CA VAL A 8 13.66 5.91 1.14
C VAL A 8 12.18 6.14 1.39
N ALA A 9 11.87 6.87 2.46
CA ALA A 9 10.50 7.14 2.90
C ALA A 9 9.79 5.87 3.34
N GLY A 10 9.43 5.04 2.38
CA GLY A 10 8.73 3.81 2.68
C GLY A 10 8.93 2.76 1.61
N ASP A 11 8.46 1.56 1.87
CA ASP A 11 8.61 0.46 0.92
C ASP A 11 7.48 0.47 -0.10
N LEU A 12 6.55 1.38 0.09
CA LEU A 12 5.38 1.51 -0.77
C LEU A 12 5.67 2.44 -1.94
N PRO A 13 4.75 2.48 -2.94
CA PRO A 13 4.78 3.45 -4.03
C PRO A 13 4.71 4.90 -3.53
N TYR A 14 4.85 5.85 -4.45
CA TYR A 14 4.91 7.27 -4.11
C TYR A 14 3.63 7.74 -3.41
N GLY A 15 2.47 7.30 -3.89
CA GLY A 15 1.22 7.74 -3.34
C GLY A 15 0.92 7.11 -1.99
N TRP A 16 1.44 5.92 -1.79
CA TRP A 16 1.12 5.13 -0.61
C TRP A 16 1.99 5.51 0.59
N GLU A 17 1.36 5.66 1.73
CA GLU A 17 2.06 5.90 2.98
C GLU A 17 1.76 4.78 3.96
N GLN A 18 2.75 4.38 4.73
CA GLN A 18 2.60 3.29 5.68
C GLN A 18 2.23 3.83 7.05
N GLU A 19 0.97 3.63 7.43
CA GLU A 19 0.47 4.13 8.70
C GLU A 19 0.10 2.98 9.61
N THR A 20 -0.14 3.28 10.87
CA THR A 20 -0.58 2.29 11.81
C THR A 20 -1.87 2.73 12.47
N ASP A 21 -2.81 1.80 12.60
CA ASP A 21 -4.09 2.10 13.21
C ASP A 21 -3.97 2.08 14.72
N GLU A 22 -5.06 2.39 15.38
CA GLU A 22 -5.09 2.50 16.84
C GLU A 22 -4.82 1.15 17.50
N ASN A 23 -5.29 0.08 16.88
CA ASN A 23 -5.06 -1.27 17.41
C ASN A 23 -3.59 -1.61 17.33
N GLY A 24 -2.95 -1.17 16.26
CA GLY A 24 -1.55 -1.44 16.06
C GLY A 24 -1.32 -2.28 14.83
N GLN A 25 -2.33 -2.37 13.99
CA GLN A 25 -2.20 -3.05 12.71
C GLN A 25 -1.70 -2.04 11.70
N VAL A 26 -0.77 -2.45 10.86
CA VAL A 26 -0.27 -1.57 9.85
C VAL A 26 -1.17 -1.61 8.63
N PHE A 27 -1.30 -0.47 8.00
CA PHE A 27 -2.13 -0.33 6.83
C PHE A 27 -1.53 0.69 5.89
N PHE A 28 -1.87 0.56 4.63
CA PHE A 28 -1.28 1.38 3.60
C PHE A 28 -2.35 2.28 3.00
N VAL A 29 -2.04 3.54 2.87
CA VAL A 29 -2.99 4.49 2.32
C VAL A 29 -2.35 5.34 1.24
N ASP A 30 -2.90 5.26 0.04
CA ASP A 30 -2.51 6.14 -1.05
C ASP A 30 -3.19 7.47 -0.82
N HIS A 31 -2.39 8.49 -0.53
CA HIS A 31 -2.93 9.78 -0.15
C HIS A 31 -3.31 10.60 -1.38
N ILE A 32 -2.91 10.13 -2.55
CA ILE A 32 -3.26 10.82 -3.79
C ILE A 32 -4.72 10.56 -4.14
N ASN A 33 -5.06 9.29 -4.24
CA ASN A 33 -6.44 8.89 -4.59
C ASN A 33 -7.25 8.64 -3.32
N LYS A 34 -6.57 8.71 -2.17
CA LYS A 34 -7.21 8.58 -0.86
C LYS A 34 -7.84 7.19 -0.67
N ARG A 35 -7.00 6.16 -0.71
CA ARG A 35 -7.47 4.79 -0.47
C ARG A 35 -6.69 4.16 0.69
N THR A 36 -7.42 3.73 1.70
CA THR A 36 -6.83 3.09 2.88
C THR A 36 -7.05 1.57 2.85
N THR A 37 -5.98 0.81 2.79
CA THR A 37 -6.09 -0.65 2.80
C THR A 37 -5.22 -1.22 3.93
N TYR A 38 -5.80 -2.10 4.73
CA TYR A 38 -5.09 -2.67 5.86
C TYR A 38 -4.14 -3.78 5.41
N LEU A 39 -4.35 -4.28 4.21
CA LEU A 39 -3.50 -5.33 3.67
C LEU A 39 -2.68 -4.83 2.50
N ASP A 40 -1.68 -5.62 2.13
CA ASP A 40 -0.75 -5.29 1.06
C ASP A 40 -1.46 -5.08 -0.28
N PRO A 41 -1.35 -3.88 -0.85
CA PRO A 41 -1.99 -3.53 -2.11
C PRO A 41 -1.10 -3.80 -3.32
N ARG A 42 -0.12 -4.68 -3.16
CA ARG A 42 0.76 -5.06 -4.26
C ARG A 42 0.64 -6.55 -4.55
N LEU A 43 -0.24 -7.23 -3.82
CA LEU A 43 -0.41 -8.66 -3.98
C LEU A 43 -1.24 -8.99 -5.22
N ALA A 44 -2.56 -8.84 -5.12
CA ALA A 44 -3.45 -9.12 -6.25
C ALA A 44 -3.81 -7.85 -6.99
N PHE A 45 -3.15 -6.76 -6.63
CA PHE A 45 -3.44 -5.46 -7.22
C PHE A 45 -2.39 -5.12 -8.28
N THR A 46 -2.34 -5.95 -9.31
CA THR A 46 -1.44 -5.76 -10.43
C THR A 46 -2.12 -6.26 -11.70
N VAL A 47 -1.46 -6.16 -12.84
CA VAL A 47 -2.00 -6.67 -14.10
C VAL A 47 -1.75 -8.17 -14.18
N ASP A 48 -2.24 -8.87 -13.18
CA ASP A 48 -2.03 -10.31 -13.02
C ASP A 48 -3.15 -10.88 -12.17
N ASP A 49 -3.11 -12.17 -11.90
CA ASP A 49 -4.09 -12.78 -11.01
C ASP A 49 -3.69 -12.50 -9.56
N ASN A 50 -2.58 -13.11 -9.15
CA ASN A 50 -2.00 -12.89 -7.83
C ASN A 50 -0.79 -13.77 -7.64
N PRO A 51 0.42 -13.21 -7.76
CA PRO A 51 1.67 -13.94 -7.53
C PRO A 51 1.77 -14.43 -6.09
N THR A 52 1.38 -15.68 -5.87
CA THR A 52 1.32 -16.23 -4.53
C THR A 52 2.52 -17.13 -4.24
N LYS A 53 3.44 -16.62 -3.44
CA LYS A 53 4.61 -17.37 -3.03
C LYS A 53 4.49 -17.77 -1.57
N PRO A 54 4.47 -19.07 -1.25
CA PRO A 54 4.34 -19.57 0.11
C PRO A 54 5.55 -19.19 0.97
N GLY A 1 -3.52 -18.11 8.52
CA GLY A 1 -2.97 -18.95 7.42
C GLY A 1 -1.75 -18.33 6.80
N SER A 2 -1.41 -18.77 5.59
CA SER A 2 -0.24 -18.26 4.88
C SER A 2 1.03 -18.47 5.71
N ALA A 3 1.97 -17.54 5.60
CA ALA A 3 3.21 -17.60 6.35
C ALA A 3 3.95 -16.27 6.26
N LYS A 4 4.80 -16.02 7.24
CA LYS A 4 5.64 -14.83 7.23
C LYS A 4 7.07 -15.23 6.89
N ARG A 5 7.37 -15.26 5.59
CA ARG A 5 8.68 -15.68 5.12
C ARG A 5 9.44 -14.49 4.54
N LYS A 6 8.71 -13.44 4.19
CA LYS A 6 9.31 -12.27 3.58
C LYS A 6 9.88 -11.34 4.66
N ARG A 7 11.00 -11.75 5.25
CA ARG A 7 11.70 -10.92 6.22
C ARG A 7 12.21 -9.64 5.55
N VAL A 8 12.50 -9.75 4.26
CA VAL A 8 12.88 -8.59 3.47
C VAL A 8 11.64 -8.03 2.76
N ALA A 9 10.78 -7.41 3.52
CA ALA A 9 9.54 -6.86 3.00
C ALA A 9 9.79 -5.57 2.23
N GLY A 10 9.13 -5.42 1.10
CA GLY A 10 9.28 -4.23 0.29
C GLY A 10 8.39 -3.11 0.77
N ASP A 11 8.92 -1.89 0.80
CA ASP A 11 8.17 -0.73 1.22
C ASP A 11 7.18 -0.33 0.14
N LEU A 12 6.47 0.75 0.37
CA LEU A 12 5.36 1.13 -0.48
C LEU A 12 5.78 2.16 -1.54
N PRO A 13 5.01 2.22 -2.64
CA PRO A 13 5.18 3.24 -3.69
C PRO A 13 5.09 4.68 -3.13
N TYR A 14 5.27 5.66 -4.01
CA TYR A 14 5.29 7.06 -3.61
C TYR A 14 3.95 7.51 -3.06
N GLY A 15 2.87 7.11 -3.72
CA GLY A 15 1.55 7.53 -3.34
C GLY A 15 1.10 6.92 -2.03
N TRP A 16 1.61 5.74 -1.74
CA TRP A 16 1.20 5.00 -0.56
C TRP A 16 1.96 5.43 0.69
N GLU A 17 1.27 5.37 1.82
CA GLU A 17 1.88 5.64 3.11
C GLU A 17 1.57 4.51 4.07
N GLN A 18 2.56 4.11 4.85
CA GLN A 18 2.37 3.05 5.82
C GLN A 18 1.99 3.65 7.17
N GLU A 19 0.72 3.60 7.48
CA GLU A 19 0.21 4.15 8.72
C GLU A 19 -0.14 3.05 9.68
N THR A 20 -0.31 3.40 10.93
CA THR A 20 -0.73 2.46 11.93
C THR A 20 -1.95 2.98 12.65
N ASP A 21 -2.94 2.12 12.84
CA ASP A 21 -4.15 2.50 13.54
C ASP A 21 -3.88 2.62 15.02
N GLU A 22 -4.87 3.10 15.73
CA GLU A 22 -4.75 3.40 17.15
C GLU A 22 -4.53 2.13 17.98
N ASN A 23 -5.01 1.01 17.48
CA ASN A 23 -4.82 -0.27 18.15
C ASN A 23 -3.41 -0.76 17.93
N GLY A 24 -2.91 -0.52 16.73
CA GLY A 24 -1.57 -0.93 16.36
C GLY A 24 -1.55 -1.75 15.10
N GLN A 25 -2.69 -1.82 14.45
CA GLN A 25 -2.79 -2.51 13.18
C GLN A 25 -2.24 -1.63 12.07
N VAL A 26 -1.17 -2.09 11.44
CA VAL A 26 -0.59 -1.34 10.34
C VAL A 26 -1.45 -1.47 9.09
N PHE A 27 -1.35 -0.49 8.23
CA PHE A 27 -2.14 -0.45 7.03
C PHE A 27 -1.57 0.56 6.05
N PHE A 28 -1.93 0.41 4.79
CA PHE A 28 -1.40 1.25 3.74
C PHE A 28 -2.50 2.11 3.13
N VAL A 29 -2.24 3.39 3.01
CA VAL A 29 -3.19 4.28 2.38
C VAL A 29 -2.49 5.14 1.35
N ASP A 30 -3.03 5.14 0.16
CA ASP A 30 -2.55 6.01 -0.89
C ASP A 30 -3.04 7.43 -0.60
N HIS A 31 -2.18 8.41 -0.75
CA HIS A 31 -2.56 9.77 -0.41
C HIS A 31 -2.75 10.62 -1.66
N ILE A 32 -3.13 9.96 -2.74
CA ILE A 32 -3.54 10.64 -3.96
C ILE A 32 -5.05 10.50 -4.11
N ASN A 33 -5.52 9.26 -4.10
CA ASN A 33 -6.94 8.95 -4.18
C ASN A 33 -7.52 8.78 -2.78
N LYS A 34 -6.65 8.35 -1.87
CA LYS A 34 -6.95 8.23 -0.44
C LYS A 34 -7.74 6.97 -0.13
N ARG A 35 -7.24 5.82 -0.56
CA ARG A 35 -7.86 4.55 -0.19
C ARG A 35 -6.98 3.77 0.78
N THR A 36 -7.58 3.29 1.85
CA THR A 36 -6.88 2.56 2.90
C THR A 36 -7.01 1.04 2.68
N THR A 37 -5.89 0.35 2.62
CA THR A 37 -5.91 -1.10 2.53
C THR A 37 -5.06 -1.71 3.65
N TYR A 38 -5.56 -2.79 4.24
CA TYR A 38 -4.84 -3.48 5.31
C TYR A 38 -3.94 -4.55 4.72
N LEU A 39 -4.07 -4.80 3.42
CA LEU A 39 -3.25 -5.78 2.75
C LEU A 39 -2.30 -5.11 1.77
N ASP A 40 -1.22 -5.79 1.44
CA ASP A 40 -0.20 -5.25 0.55
C ASP A 40 -0.73 -5.10 -0.87
N PRO A 41 -0.53 -3.93 -1.50
CA PRO A 41 -1.07 -3.64 -2.82
C PRO A 41 -0.31 -4.30 -3.97
N ARG A 42 0.68 -5.13 -3.66
CA ARG A 42 1.48 -5.77 -4.71
C ARG A 42 0.74 -6.92 -5.37
N LEU A 43 -0.34 -7.36 -4.75
CA LEU A 43 -1.09 -8.51 -5.26
C LEU A 43 -2.13 -8.09 -6.29
N ALA A 44 -3.28 -7.64 -5.83
CA ALA A 44 -4.41 -7.37 -6.70
C ALA A 44 -4.34 -5.97 -7.32
N PHE A 45 -3.31 -5.24 -6.96
CA PHE A 45 -3.13 -3.88 -7.47
C PHE A 45 -1.85 -3.80 -8.29
N THR A 46 -1.11 -4.91 -8.34
CA THR A 46 0.18 -4.96 -9.01
C THR A 46 1.14 -3.91 -8.44
N VAL A 47 1.51 -2.92 -9.26
CA VAL A 47 2.40 -1.86 -8.82
C VAL A 47 2.16 -0.59 -9.63
N ASP A 48 1.83 0.49 -8.93
CA ASP A 48 1.65 1.78 -9.57
C ASP A 48 2.95 2.58 -9.55
N ASP A 49 4.06 1.85 -9.37
CA ASP A 49 5.38 2.45 -9.32
C ASP A 49 6.13 2.19 -10.61
N ASN A 50 6.76 1.02 -10.70
CA ASN A 50 7.50 0.62 -11.89
C ASN A 50 7.32 -0.87 -12.14
N PRO A 51 6.95 -1.25 -13.37
CA PRO A 51 6.65 -2.64 -13.72
C PRO A 51 7.89 -3.48 -14.03
N THR A 52 8.96 -2.82 -14.48
CA THR A 52 10.17 -3.51 -14.94
C THR A 52 9.89 -4.33 -16.20
N LYS A 53 9.99 -3.68 -17.35
CA LYS A 53 9.73 -4.33 -18.62
C LYS A 53 11.03 -4.73 -19.31
N PRO A 54 11.18 -6.01 -19.68
CA PRO A 54 12.37 -6.51 -20.36
C PRO A 54 12.44 -6.08 -21.82
N GLY A 1 5.73 -18.94 2.11
CA GLY A 1 4.28 -18.98 1.86
C GLY A 1 3.63 -17.61 1.98
N SER A 2 2.49 -17.43 1.34
CA SER A 2 1.80 -16.14 1.35
C SER A 2 0.86 -16.02 2.56
N ALA A 3 1.02 -16.92 3.52
CA ALA A 3 0.23 -16.86 4.73
C ALA A 3 0.89 -15.96 5.77
N LYS A 4 2.04 -16.39 6.26
CA LYS A 4 2.78 -15.61 7.24
C LYS A 4 4.22 -15.41 6.79
N ARG A 5 4.40 -14.54 5.80
CA ARG A 5 5.74 -14.19 5.34
C ARG A 5 6.40 -13.26 6.35
N LYS A 6 7.26 -13.83 7.18
CA LYS A 6 7.91 -13.09 8.26
C LYS A 6 9.02 -12.19 7.75
N ARG A 7 9.15 -12.12 6.43
CA ARG A 7 10.09 -11.21 5.80
C ARG A 7 9.33 -10.22 4.93
N VAL A 8 8.85 -9.15 5.54
CA VAL A 8 8.02 -8.17 4.86
C VAL A 8 8.75 -6.84 4.71
N ALA A 9 9.95 -6.89 4.15
CA ALA A 9 10.73 -5.69 3.91
C ALA A 9 10.30 -5.01 2.62
N GLY A 10 8.99 -4.81 2.49
CA GLY A 10 8.44 -4.25 1.26
C GLY A 10 8.41 -2.74 1.29
N ASP A 11 8.65 -2.14 0.13
CA ASP A 11 8.63 -0.70 -0.02
C ASP A 11 7.40 -0.29 -0.80
N LEU A 12 6.71 0.72 -0.32
CA LEU A 12 5.46 1.16 -0.93
C LEU A 12 5.71 2.12 -2.09
N PRO A 13 4.78 2.15 -3.07
CA PRO A 13 4.81 3.11 -4.18
C PRO A 13 4.72 4.57 -3.70
N TYR A 14 4.95 5.47 -4.64
CA TYR A 14 5.05 6.91 -4.37
C TYR A 14 3.85 7.47 -3.59
N GLY A 15 2.65 7.00 -3.92
CA GLY A 15 1.45 7.56 -3.30
C GLY A 15 1.13 6.94 -1.96
N TRP A 16 1.78 5.84 -1.63
CA TRP A 16 1.44 5.08 -0.44
C TRP A 16 2.24 5.49 0.79
N GLU A 17 1.54 5.56 1.92
CA GLU A 17 2.16 5.82 3.21
C GLU A 17 1.86 4.66 4.15
N GLN A 18 2.83 4.29 4.96
CA GLN A 18 2.67 3.22 5.94
C GLN A 18 2.22 3.80 7.27
N GLU A 19 0.94 3.64 7.58
CA GLU A 19 0.38 4.21 8.80
C GLU A 19 -0.07 3.11 9.75
N THR A 20 -0.37 3.49 10.97
CA THR A 20 -0.89 2.56 11.96
C THR A 20 -2.26 3.01 12.44
N ASP A 21 -3.16 2.07 12.63
CA ASP A 21 -4.51 2.38 13.10
C ASP A 21 -4.49 2.66 14.60
N GLU A 22 -5.66 2.89 15.14
CA GLU A 22 -5.82 3.24 16.56
C GLU A 22 -5.46 2.06 17.46
N ASN A 23 -5.60 0.85 16.94
CA ASN A 23 -5.31 -0.35 17.72
C ASN A 23 -3.82 -0.68 17.66
N GLY A 24 -3.24 -0.56 16.48
CA GLY A 24 -1.84 -0.87 16.31
C GLY A 24 -1.60 -1.78 15.12
N GLN A 25 -2.59 -1.89 14.26
CA GLN A 25 -2.47 -2.63 13.04
C GLN A 25 -1.94 -1.73 11.94
N VAL A 26 -0.87 -2.14 11.28
CA VAL A 26 -0.31 -1.33 10.22
C VAL A 26 -1.09 -1.50 8.94
N PHE A 27 -1.07 -0.47 8.12
CA PHE A 27 -1.79 -0.45 6.87
C PHE A 27 -1.16 0.56 5.93
N PHE A 28 -1.54 0.48 4.68
CA PHE A 28 -1.01 1.36 3.66
C PHE A 28 -2.14 2.18 3.06
N VAL A 29 -1.91 3.46 2.90
CA VAL A 29 -2.93 4.33 2.34
C VAL A 29 -2.36 5.17 1.20
N ASP A 30 -3.01 5.07 0.05
CA ASP A 30 -2.70 5.93 -1.08
C ASP A 30 -3.26 7.31 -0.77
N HIS A 31 -2.37 8.28 -0.62
CA HIS A 31 -2.79 9.61 -0.16
C HIS A 31 -3.22 10.49 -1.32
N ILE A 32 -3.16 9.96 -2.54
CA ILE A 32 -3.67 10.68 -3.70
C ILE A 32 -5.20 10.55 -3.74
N ASN A 33 -5.67 9.31 -3.61
CA ASN A 33 -7.09 9.02 -3.67
C ASN A 33 -7.67 8.82 -2.28
N LYS A 34 -6.78 8.69 -1.30
CA LYS A 34 -7.16 8.49 0.10
C LYS A 34 -7.84 7.14 0.30
N ARG A 35 -7.12 6.08 -0.04
CA ARG A 35 -7.65 4.72 0.11
C ARG A 35 -6.74 3.89 0.99
N THR A 36 -7.33 3.31 2.03
CA THR A 36 -6.59 2.52 3.00
C THR A 36 -6.69 1.03 2.67
N THR A 37 -5.56 0.35 2.62
CA THR A 37 -5.54 -1.09 2.50
C THR A 37 -4.71 -1.70 3.61
N TYR A 38 -5.26 -2.71 4.26
CA TYR A 38 -4.57 -3.38 5.35
C TYR A 38 -3.79 -4.57 4.83
N LEU A 39 -3.87 -4.78 3.52
CA LEU A 39 -3.08 -5.78 2.85
C LEU A 39 -2.15 -5.09 1.86
N ASP A 40 -1.10 -5.79 1.47
CA ASP A 40 -0.06 -5.19 0.61
C ASP A 40 -0.59 -4.96 -0.81
N PRO A 41 -0.37 -3.75 -1.36
CA PRO A 41 -0.84 -3.37 -2.69
C PRO A 41 -0.05 -3.99 -3.84
N ARG A 42 0.50 -5.18 -3.62
CA ARG A 42 1.18 -5.90 -4.69
C ARG A 42 0.33 -7.07 -5.18
N LEU A 43 -0.59 -7.51 -4.33
CA LEU A 43 -1.40 -8.69 -4.60
C LEU A 43 -2.35 -8.47 -5.78
N ALA A 44 -3.57 -8.06 -5.49
CA ALA A 44 -4.60 -7.91 -6.50
C ALA A 44 -4.50 -6.56 -7.19
N PHE A 45 -3.44 -5.84 -6.89
CA PHE A 45 -3.24 -4.50 -7.43
C PHE A 45 -2.19 -4.55 -8.54
N THR A 46 -1.72 -5.74 -8.83
CA THR A 46 -0.74 -5.96 -9.88
C THR A 46 -1.09 -7.23 -10.66
N VAL A 47 -1.01 -7.16 -11.99
CA VAL A 47 -1.37 -8.30 -12.83
C VAL A 47 -0.13 -9.07 -13.27
N ASP A 48 0.98 -8.81 -12.61
CA ASP A 48 2.24 -9.46 -12.95
C ASP A 48 2.90 -10.03 -11.71
N ASP A 49 3.90 -10.88 -11.90
CA ASP A 49 4.64 -11.48 -10.81
C ASP A 49 5.44 -10.40 -10.08
N ASN A 50 5.92 -9.44 -10.85
CA ASN A 50 6.62 -8.29 -10.31
C ASN A 50 6.10 -7.01 -10.94
N PRO A 51 5.54 -6.10 -10.13
CA PRO A 51 5.04 -4.81 -10.61
C PRO A 51 6.15 -3.99 -11.26
N THR A 52 5.80 -3.28 -12.32
CA THR A 52 6.75 -2.49 -13.07
C THR A 52 7.33 -1.36 -12.23
N LYS A 53 8.60 -1.51 -11.85
CA LYS A 53 9.28 -0.52 -11.02
C LYS A 53 10.32 0.25 -11.82
N PRO A 54 10.29 1.59 -11.74
CA PRO A 54 11.27 2.45 -12.41
C PRO A 54 12.61 2.47 -11.66
N GLY A 1 19.75 4.97 17.95
CA GLY A 1 19.33 5.38 16.58
C GLY A 1 19.98 4.52 15.52
N SER A 2 19.64 3.23 15.52
CA SER A 2 20.22 2.28 14.58
C SER A 2 19.64 2.48 13.19
N ALA A 3 18.34 2.69 13.12
CA ALA A 3 17.68 2.87 11.84
C ALA A 3 17.54 4.35 11.51
N LYS A 4 17.89 4.71 10.30
CA LYS A 4 17.79 6.10 9.87
C LYS A 4 16.92 6.21 8.63
N ARG A 5 15.61 6.14 8.85
CA ARG A 5 14.65 6.22 7.76
C ARG A 5 14.48 7.66 7.30
N LYS A 6 14.24 7.84 6.01
CA LYS A 6 14.12 9.18 5.44
C LYS A 6 12.66 9.62 5.43
N ARG A 7 11.81 8.83 6.07
CA ARG A 7 10.38 9.12 6.20
C ARG A 7 9.68 8.98 4.85
N VAL A 8 9.99 7.88 4.16
CA VAL A 8 9.34 7.54 2.91
C VAL A 8 9.15 6.03 2.84
N ALA A 9 8.19 5.57 2.05
CA ALA A 9 7.86 4.15 2.00
C ALA A 9 8.90 3.37 1.20
N GLY A 10 8.92 3.58 -0.11
CA GLY A 10 9.86 2.85 -0.96
C GLY A 10 9.35 1.45 -1.27
N ASP A 11 8.95 0.73 -0.23
CA ASP A 11 8.32 -0.58 -0.39
C ASP A 11 7.00 -0.41 -1.14
N LEU A 12 6.24 0.58 -0.71
CA LEU A 12 4.98 0.92 -1.36
C LEU A 12 5.22 1.88 -2.51
N PRO A 13 4.25 1.99 -3.43
CA PRO A 13 4.27 3.00 -4.50
C PRO A 13 4.38 4.42 -3.95
N TYR A 14 4.54 5.38 -4.86
CA TYR A 14 4.81 6.76 -4.49
C TYR A 14 3.66 7.36 -3.66
N GLY A 15 2.43 7.02 -4.03
CA GLY A 15 1.27 7.60 -3.38
C GLY A 15 0.98 7.02 -2.02
N TRP A 16 1.43 5.80 -1.78
CA TRP A 16 1.07 5.07 -0.58
C TRP A 16 1.91 5.44 0.63
N GLU A 17 1.24 5.58 1.76
CA GLU A 17 1.87 5.82 3.04
C GLU A 17 1.58 4.68 3.99
N GLN A 18 2.47 4.47 4.95
CA GLN A 18 2.30 3.42 5.94
C GLN A 18 1.95 4.04 7.30
N GLU A 19 0.69 3.90 7.70
CA GLU A 19 0.22 4.43 8.98
C GLU A 19 -0.09 3.30 9.94
N THR A 20 -0.51 3.66 11.16
CA THR A 20 -0.85 2.67 12.16
C THR A 20 -2.25 2.91 12.72
N ASP A 21 -2.99 1.83 12.89
CA ASP A 21 -4.34 1.90 13.40
C ASP A 21 -4.35 1.38 14.84
N GLU A 22 -5.52 1.39 15.47
CA GLU A 22 -5.70 1.19 16.93
C GLU A 22 -4.59 0.37 17.60
N ASN A 23 -4.66 -0.96 17.45
CA ASN A 23 -3.78 -1.86 18.21
C ASN A 23 -2.47 -2.10 17.48
N GLY A 24 -1.96 -1.09 16.80
CA GLY A 24 -0.70 -1.20 16.11
C GLY A 24 -0.87 -1.85 14.75
N GLN A 25 -2.12 -2.10 14.40
CA GLN A 25 -2.47 -2.67 13.11
C GLN A 25 -2.02 -1.75 12.00
N VAL A 26 -1.06 -2.19 11.20
CA VAL A 26 -0.56 -1.37 10.12
C VAL A 26 -1.51 -1.41 8.94
N PHE A 27 -1.47 -0.34 8.17
CA PHE A 27 -2.27 -0.22 6.97
C PHE A 27 -1.64 0.80 6.05
N PHE A 28 -2.00 0.76 4.79
CA PHE A 28 -1.41 1.63 3.80
C PHE A 28 -2.47 2.55 3.22
N VAL A 29 -2.11 3.81 3.04
CA VAL A 29 -3.04 4.79 2.52
C VAL A 29 -2.45 5.57 1.37
N ASP A 30 -3.11 5.48 0.23
CA ASP A 30 -2.71 6.19 -0.97
C ASP A 30 -3.16 7.64 -0.85
N HIS A 31 -2.20 8.57 -0.84
CA HIS A 31 -2.53 9.97 -0.65
C HIS A 31 -2.80 10.66 -1.98
N ILE A 32 -2.63 9.92 -3.07
CA ILE A 32 -2.94 10.42 -4.39
C ILE A 32 -4.35 9.99 -4.80
N ASN A 33 -4.67 8.74 -4.52
CA ASN A 33 -5.97 8.18 -4.87
C ASN A 33 -6.91 8.20 -3.67
N LYS A 34 -6.36 8.55 -2.51
CA LYS A 34 -7.14 8.77 -1.29
C LYS A 34 -7.83 7.49 -0.80
N ARG A 35 -7.08 6.40 -0.68
CA ARG A 35 -7.63 5.14 -0.17
C ARG A 35 -6.83 4.62 1.00
N THR A 36 -7.53 4.05 1.98
CA THR A 36 -6.90 3.39 3.12
C THR A 36 -7.14 1.88 3.03
N THR A 37 -6.09 1.10 2.94
CA THR A 37 -6.25 -0.35 2.90
C THR A 37 -5.42 -1.03 3.99
N TYR A 38 -6.02 -2.01 4.63
CA TYR A 38 -5.37 -2.75 5.70
C TYR A 38 -4.62 -3.97 5.16
N LEU A 39 -4.64 -4.12 3.84
CA LEU A 39 -3.97 -5.23 3.20
C LEU A 39 -2.90 -4.71 2.26
N ASP A 40 -2.00 -5.58 1.85
CA ASP A 40 -0.90 -5.21 0.97
C ASP A 40 -1.40 -4.90 -0.44
N PRO A 41 -1.14 -3.69 -0.94
CA PRO A 41 -1.56 -3.27 -2.26
C PRO A 41 -0.53 -3.59 -3.34
N ARG A 42 0.21 -4.68 -3.16
CA ARG A 42 1.22 -5.09 -4.13
C ARG A 42 0.85 -6.43 -4.77
N LEU A 43 0.36 -7.35 -3.93
CA LEU A 43 0.00 -8.70 -4.39
C LEU A 43 -1.01 -8.68 -5.53
N ALA A 44 -2.28 -8.51 -5.19
CA ALA A 44 -3.36 -8.59 -6.18
C ALA A 44 -3.92 -7.22 -6.52
N PHE A 45 -3.21 -6.18 -6.10
CA PHE A 45 -3.67 -4.82 -6.32
C PHE A 45 -2.90 -4.15 -7.46
N THR A 46 -3.18 -4.59 -8.67
CA THR A 46 -2.58 -4.00 -9.85
C THR A 46 -3.17 -2.60 -10.10
N VAL A 47 -4.31 -2.57 -10.77
CA VAL A 47 -5.05 -1.33 -10.95
C VAL A 47 -6.42 -1.46 -10.28
N ASP A 48 -6.63 -0.69 -9.23
CA ASP A 48 -7.84 -0.82 -8.43
C ASP A 48 -8.81 0.31 -8.73
N ASP A 49 -9.40 0.26 -9.91
CA ASP A 49 -10.41 1.23 -10.32
C ASP A 49 -11.79 0.64 -10.11
N ASN A 50 -12.22 0.59 -8.85
CA ASN A 50 -13.51 0.06 -8.46
C ASN A 50 -13.72 0.32 -6.98
N PRO A 51 -14.97 0.37 -6.51
CA PRO A 51 -15.27 0.53 -5.08
C PRO A 51 -14.81 -0.68 -4.28
N THR A 52 -13.58 -0.61 -3.77
CA THR A 52 -13.03 -1.70 -2.98
C THR A 52 -13.76 -1.84 -1.65
N LYS A 53 -14.44 -2.96 -1.48
CA LYS A 53 -15.19 -3.24 -0.27
C LYS A 53 -14.28 -3.77 0.82
N PRO A 54 -14.31 -3.16 2.02
CA PRO A 54 -13.55 -3.63 3.16
C PRO A 54 -14.11 -4.94 3.72
N GLY A 1 15.03 1.06 -13.60
CA GLY A 1 13.59 0.86 -13.30
C GLY A 1 13.24 1.37 -11.93
N SER A 2 12.45 0.61 -11.19
CA SER A 2 12.06 0.99 -9.84
C SER A 2 13.15 0.62 -8.85
N ALA A 3 13.74 1.62 -8.20
CA ALA A 3 14.74 1.39 -7.17
C ALA A 3 14.04 1.02 -5.87
N LYS A 4 14.38 -0.14 -5.33
CA LYS A 4 13.73 -0.64 -4.13
C LYS A 4 14.33 0.01 -2.87
N ARG A 5 15.55 -0.39 -2.54
CA ARG A 5 16.25 0.12 -1.35
C ARG A 5 15.51 -0.27 -0.08
N LYS A 6 14.53 0.56 0.30
CA LYS A 6 13.68 0.35 1.47
C LYS A 6 14.46 0.01 2.75
N ARG A 7 15.73 0.40 2.79
CA ARG A 7 16.54 0.21 3.99
C ARG A 7 16.06 1.16 5.08
N VAL A 8 16.08 2.44 4.78
CA VAL A 8 15.54 3.46 5.66
C VAL A 8 14.42 4.20 4.93
N ALA A 9 13.79 3.50 4.02
CA ALA A 9 12.74 4.08 3.20
C ALA A 9 11.45 3.28 3.34
N GLY A 10 10.37 3.80 2.80
CA GLY A 10 9.08 3.14 2.89
C GLY A 10 8.98 1.95 1.97
N ASP A 11 8.13 1.00 2.34
CA ASP A 11 7.94 -0.21 1.54
C ASP A 11 6.97 0.05 0.40
N LEU A 12 6.23 1.15 0.50
CA LEU A 12 5.12 1.42 -0.40
C LEU A 12 5.55 2.15 -1.66
N PRO A 13 4.66 2.17 -2.66
CA PRO A 13 4.80 3.02 -3.87
C PRO A 13 4.83 4.52 -3.54
N TYR A 14 4.72 5.34 -4.56
CA TYR A 14 4.86 6.78 -4.41
C TYR A 14 3.70 7.40 -3.61
N GLY A 15 2.49 6.99 -3.94
CA GLY A 15 1.33 7.60 -3.31
C GLY A 15 1.00 7.02 -1.95
N TRP A 16 1.49 5.81 -1.71
CA TRP A 16 1.12 5.05 -0.52
C TRP A 16 1.95 5.43 0.70
N GLU A 17 1.30 5.42 1.85
CA GLU A 17 1.96 5.63 3.12
C GLU A 17 1.70 4.45 4.05
N GLN A 18 2.67 4.14 4.90
CA GLN A 18 2.55 3.04 5.84
C GLN A 18 2.21 3.59 7.22
N GLU A 19 0.94 3.50 7.58
CA GLU A 19 0.48 4.07 8.84
C GLU A 19 0.13 2.97 9.84
N THR A 20 -0.07 3.38 11.08
CA THR A 20 -0.55 2.49 12.11
C THR A 20 -1.93 2.93 12.56
N ASP A 21 -2.82 1.97 12.75
CA ASP A 21 -4.18 2.27 13.16
C ASP A 21 -4.24 2.55 14.67
N GLU A 22 -5.44 2.75 15.17
CA GLU A 22 -5.65 3.14 16.57
C GLU A 22 -5.34 1.98 17.51
N ASN A 23 -5.55 0.76 17.03
CA ASN A 23 -5.28 -0.44 17.84
C ASN A 23 -3.78 -0.71 17.85
N GLY A 24 -3.16 -0.60 16.68
CA GLY A 24 -1.74 -0.83 16.58
C GLY A 24 -1.41 -1.80 15.46
N GLN A 25 -2.30 -1.88 14.48
CA GLN A 25 -2.05 -2.68 13.31
C GLN A 25 -1.59 -1.77 12.18
N VAL A 26 -0.76 -2.29 11.29
CA VAL A 26 -0.27 -1.50 10.19
C VAL A 26 -1.19 -1.60 8.99
N PHE A 27 -1.14 -0.59 8.14
CA PHE A 27 -1.93 -0.55 6.94
C PHE A 27 -1.34 0.46 5.98
N PHE A 28 -1.75 0.36 4.73
CA PHE A 28 -1.22 1.21 3.69
C PHE A 28 -2.31 2.08 3.12
N VAL A 29 -2.04 3.37 2.99
CA VAL A 29 -2.99 4.30 2.45
C VAL A 29 -2.35 5.20 1.41
N ASP A 30 -2.89 5.15 0.21
CA ASP A 30 -2.47 6.07 -0.84
C ASP A 30 -3.11 7.41 -0.58
N HIS A 31 -2.31 8.45 -0.54
CA HIS A 31 -2.81 9.78 -0.18
C HIS A 31 -3.05 10.63 -1.41
N ILE A 32 -2.97 10.02 -2.58
CA ILE A 32 -3.27 10.69 -3.83
C ILE A 32 -4.73 10.45 -4.22
N ASN A 33 -5.13 9.19 -4.19
CA ASN A 33 -6.51 8.82 -4.52
C ASN A 33 -7.27 8.37 -3.28
N LYS A 34 -6.56 8.38 -2.14
CA LYS A 34 -7.16 8.18 -0.82
C LYS A 34 -7.77 6.79 -0.63
N ARG A 35 -6.95 5.76 -0.65
CA ARG A 35 -7.41 4.40 -0.35
C ARG A 35 -6.62 3.78 0.80
N THR A 36 -7.32 3.17 1.74
CA THR A 36 -6.69 2.53 2.90
C THR A 36 -6.86 1.01 2.83
N THR A 37 -5.76 0.29 2.77
CA THR A 37 -5.80 -1.17 2.77
C THR A 37 -4.91 -1.73 3.88
N TYR A 38 -5.40 -2.73 4.59
CA TYR A 38 -4.64 -3.34 5.67
C TYR A 38 -3.75 -4.46 5.14
N LEU A 39 -3.91 -4.77 3.86
CA LEU A 39 -3.08 -5.77 3.21
C LEU A 39 -2.23 -5.09 2.14
N ASP A 40 -1.21 -5.79 1.67
CA ASP A 40 -0.27 -5.22 0.69
C ASP A 40 -0.98 -4.92 -0.62
N PRO A 41 -0.85 -3.69 -1.13
CA PRO A 41 -1.56 -3.23 -2.32
C PRO A 41 -1.02 -3.83 -3.61
N ARG A 42 0.16 -4.42 -3.56
CA ARG A 42 0.82 -4.90 -4.77
C ARG A 42 0.39 -6.32 -5.12
N LEU A 43 -0.66 -6.80 -4.48
CA LEU A 43 -1.18 -8.11 -4.77
C LEU A 43 -2.04 -8.09 -6.03
N ALA A 44 -3.31 -7.69 -5.89
CA ALA A 44 -4.21 -7.64 -7.03
C ALA A 44 -4.41 -6.22 -7.52
N PHE A 45 -3.73 -5.28 -6.86
CA PHE A 45 -3.82 -3.87 -7.22
C PHE A 45 -2.45 -3.34 -7.62
N THR A 46 -2.38 -2.03 -7.80
CA THR A 46 -1.13 -1.34 -8.13
C THR A 46 -0.52 -1.87 -9.43
N VAL A 47 -1.31 -1.85 -10.50
CA VAL A 47 -0.83 -2.23 -11.82
C VAL A 47 -0.24 -1.01 -12.52
N ASP A 48 1.02 -0.74 -12.23
CA ASP A 48 1.68 0.47 -12.71
C ASP A 48 1.98 0.38 -14.20
N ASP A 49 2.77 -0.60 -14.58
CA ASP A 49 3.18 -0.77 -15.96
C ASP A 49 2.91 -2.20 -16.42
N ASN A 50 3.16 -2.47 -17.69
CA ASN A 50 3.00 -3.80 -18.25
C ASN A 50 4.37 -4.45 -18.42
N PRO A 51 4.55 -5.65 -17.84
CA PRO A 51 5.82 -6.38 -17.91
C PRO A 51 6.31 -6.60 -19.33
N THR A 52 7.59 -6.34 -19.55
CA THR A 52 8.20 -6.56 -20.84
C THR A 52 9.38 -7.52 -20.73
N LYS A 53 9.45 -8.49 -21.62
CA LYS A 53 10.52 -9.47 -21.61
C LYS A 53 11.85 -8.82 -21.95
N PRO A 54 12.89 -9.09 -21.17
CA PRO A 54 14.24 -8.60 -21.41
C PRO A 54 14.93 -9.39 -22.53
N GLY A 1 -14.16 -2.38 -14.40
CA GLY A 1 -13.51 -3.22 -13.37
C GLY A 1 -12.55 -2.41 -12.52
N SER A 2 -11.69 -3.09 -11.77
CA SER A 2 -10.70 -2.41 -10.96
C SER A 2 -9.66 -1.73 -11.87
N ALA A 3 -9.87 -0.45 -12.13
CA ALA A 3 -9.04 0.29 -13.09
C ALA A 3 -7.74 0.77 -12.46
N LYS A 4 -7.02 -0.14 -11.84
CA LYS A 4 -5.71 0.16 -11.29
C LYS A 4 -4.65 -0.34 -12.24
N ARG A 5 -3.79 0.56 -12.69
CA ARG A 5 -2.79 0.24 -13.71
C ARG A 5 -1.65 -0.58 -13.12
N LYS A 6 -1.62 -0.67 -11.79
CA LYS A 6 -0.55 -1.34 -11.08
C LYS A 6 0.77 -0.65 -11.38
N ARG A 7 1.74 -1.39 -11.91
CA ARG A 7 3.04 -0.84 -12.29
C ARG A 7 3.68 -0.08 -11.12
N VAL A 8 3.50 -0.63 -9.93
CA VAL A 8 3.98 0.03 -8.73
C VAL A 8 5.44 -0.35 -8.47
N ALA A 9 6.33 0.58 -8.77
CA ALA A 9 7.76 0.35 -8.66
C ALA A 9 8.25 0.52 -7.24
N GLY A 10 8.80 -0.55 -6.69
CA GLY A 10 9.38 -0.49 -5.36
C GLY A 10 8.58 -1.30 -4.35
N ASP A 11 8.62 -0.88 -3.11
CA ASP A 11 7.83 -1.52 -2.06
C ASP A 11 6.45 -0.87 -2.02
N LEU A 12 6.31 0.19 -1.25
CA LEU A 12 5.14 1.00 -1.31
C LEU A 12 5.29 2.04 -2.41
N PRO A 13 4.25 2.23 -3.23
CA PRO A 13 4.27 3.22 -4.30
C PRO A 13 4.39 4.65 -3.76
N TYR A 14 4.65 5.58 -4.66
CA TYR A 14 4.91 6.97 -4.30
C TYR A 14 3.74 7.58 -3.53
N GLY A 15 2.52 7.26 -3.94
CA GLY A 15 1.35 7.84 -3.32
C GLY A 15 0.98 7.17 -2.00
N TRP A 16 1.44 5.94 -1.81
CA TRP A 16 1.10 5.16 -0.63
C TRP A 16 2.01 5.44 0.54
N GLU A 17 1.42 5.53 1.71
CA GLU A 17 2.16 5.71 2.95
C GLU A 17 1.83 4.57 3.92
N GLN A 18 2.83 4.14 4.68
CA GLN A 18 2.65 3.07 5.64
C GLN A 18 2.34 3.66 7.02
N GLU A 19 1.11 3.47 7.46
CA GLU A 19 0.66 4.01 8.75
C GLU A 19 0.22 2.90 9.68
N THR A 20 0.09 3.22 10.96
CA THR A 20 -0.38 2.26 11.94
C THR A 20 -1.64 2.77 12.63
N ASP A 21 -2.63 1.90 12.74
CA ASP A 21 -3.90 2.27 13.32
C ASP A 21 -3.86 2.20 14.84
N GLU A 22 -4.99 2.47 15.45
CA GLU A 22 -5.09 2.56 16.90
C GLU A 22 -4.99 1.19 17.56
N ASN A 23 -5.21 0.14 16.78
CA ASN A 23 -5.11 -1.22 17.29
C ASN A 23 -3.68 -1.71 17.15
N GLY A 24 -2.87 -0.93 16.46
CA GLY A 24 -1.47 -1.25 16.26
C GLY A 24 -1.27 -2.15 15.06
N GLN A 25 -2.26 -2.17 14.18
CA GLN A 25 -2.15 -2.92 12.95
C GLN A 25 -1.74 -1.98 11.83
N VAL A 26 -0.80 -2.41 11.01
CA VAL A 26 -0.35 -1.58 9.93
C VAL A 26 -1.32 -1.59 8.78
N PHE A 27 -1.33 -0.50 8.06
CA PHE A 27 -2.16 -0.36 6.89
C PHE A 27 -1.49 0.60 5.92
N PHE A 28 -1.91 0.54 4.68
CA PHE A 28 -1.33 1.38 3.65
C PHE A 28 -2.39 2.30 3.12
N VAL A 29 -2.03 3.55 2.90
CA VAL A 29 -2.99 4.51 2.40
C VAL A 29 -2.42 5.32 1.25
N ASP A 30 -3.16 5.32 0.15
CA ASP A 30 -2.85 6.15 -0.99
C ASP A 30 -3.28 7.57 -0.67
N HIS A 31 -2.36 8.51 -0.76
CA HIS A 31 -2.67 9.89 -0.39
C HIS A 31 -2.96 10.74 -1.62
N ILE A 32 -3.10 10.09 -2.76
CA ILE A 32 -3.44 10.78 -4.00
C ILE A 32 -4.95 10.80 -4.18
N ASN A 33 -5.55 9.62 -4.19
CA ASN A 33 -7.00 9.50 -4.32
C ASN A 33 -7.62 9.03 -3.01
N LYS A 34 -6.75 8.86 -2.00
CA LYS A 34 -7.16 8.66 -0.61
C LYS A 34 -7.88 7.34 -0.38
N ARG A 35 -7.13 6.24 -0.42
CA ARG A 35 -7.67 4.93 -0.04
C ARG A 35 -6.83 4.30 1.06
N THR A 36 -7.47 4.02 2.20
CA THR A 36 -6.81 3.35 3.32
C THR A 36 -7.13 1.86 3.28
N THR A 37 -6.11 1.03 3.12
CA THR A 37 -6.31 -0.41 3.10
C THR A 37 -5.42 -1.10 4.13
N TYR A 38 -6.01 -2.00 4.91
CA TYR A 38 -5.26 -2.74 5.91
C TYR A 38 -4.53 -3.90 5.25
N LEU A 39 -4.93 -4.21 4.02
CA LEU A 39 -4.33 -5.30 3.27
C LEU A 39 -3.35 -4.76 2.23
N ASP A 40 -2.49 -5.65 1.77
CA ASP A 40 -1.41 -5.31 0.84
C ASP A 40 -1.94 -5.12 -0.58
N PRO A 41 -1.79 -3.90 -1.14
CA PRO A 41 -2.19 -3.61 -2.51
C PRO A 41 -1.06 -3.85 -3.51
N ARG A 42 -0.09 -4.65 -3.12
CA ARG A 42 1.00 -5.03 -4.00
C ARG A 42 0.97 -6.54 -4.27
N LEU A 43 0.11 -7.24 -3.54
CA LEU A 43 0.01 -8.71 -3.61
C LEU A 43 -0.15 -9.20 -5.04
N ALA A 44 -1.32 -8.99 -5.61
CA ALA A 44 -1.60 -9.44 -6.97
C ALA A 44 -1.57 -8.28 -7.95
N PHE A 45 -0.74 -7.30 -7.64
CA PHE A 45 -0.64 -6.09 -8.45
C PHE A 45 0.68 -6.07 -9.20
N THR A 46 1.75 -5.72 -8.50
CA THR A 46 3.08 -5.69 -9.09
C THR A 46 4.12 -6.17 -8.09
N VAL A 47 4.49 -7.44 -8.19
CA VAL A 47 5.46 -8.03 -7.28
C VAL A 47 6.79 -8.26 -8.01
N ASP A 48 6.81 -7.88 -9.29
CA ASP A 48 7.98 -8.08 -10.13
C ASP A 48 8.91 -6.86 -10.09
N ASP A 49 8.60 -5.92 -9.21
CA ASP A 49 9.45 -4.75 -8.93
C ASP A 49 9.41 -3.72 -10.07
N ASN A 50 9.77 -4.15 -11.28
CA ASN A 50 9.80 -3.28 -12.46
C ASN A 50 10.73 -2.08 -12.24
N PRO A 51 12.05 -2.33 -12.20
CA PRO A 51 13.04 -1.28 -11.94
C PRO A 51 13.43 -0.51 -13.20
N THR A 52 13.05 -1.05 -14.35
CA THR A 52 13.44 -0.49 -15.63
C THR A 52 12.63 0.76 -15.97
N LYS A 53 13.16 1.55 -16.90
CA LYS A 53 12.47 2.72 -17.42
C LYS A 53 12.48 2.67 -18.95
N PRO A 54 11.60 1.84 -19.54
CA PRO A 54 11.54 1.66 -20.99
C PRO A 54 11.19 2.93 -21.74
N GLY A 1 6.01 8.05 13.98
CA GLY A 1 6.38 9.32 13.31
C GLY A 1 6.49 9.15 11.81
N SER A 2 7.06 10.14 11.15
CA SER A 2 7.24 10.11 9.71
C SER A 2 8.59 9.51 9.36
N ALA A 3 9.48 9.47 10.34
CA ALA A 3 10.81 8.91 10.17
C ALA A 3 10.76 7.40 9.99
N LYS A 4 10.94 6.94 8.76
CA LYS A 4 11.01 5.52 8.47
C LYS A 4 12.46 5.07 8.53
N ARG A 5 13.20 5.33 7.44
CA ARG A 5 14.64 5.11 7.37
C ARG A 5 15.00 3.62 7.28
N LYS A 6 14.44 2.82 8.17
CA LYS A 6 14.75 1.41 8.27
C LYS A 6 14.25 0.63 7.05
N ARG A 7 15.19 0.21 6.21
CA ARG A 7 14.87 -0.59 5.04
C ARG A 7 14.77 -2.07 5.43
N VAL A 8 13.76 -2.38 6.24
CA VAL A 8 13.58 -3.73 6.76
C VAL A 8 12.95 -4.67 5.72
N ALA A 9 11.92 -4.19 5.04
CA ALA A 9 11.21 -5.01 4.07
C ALA A 9 10.73 -4.14 2.91
N GLY A 10 10.10 -4.77 1.93
CA GLY A 10 9.60 -4.06 0.76
C GLY A 10 8.64 -2.95 1.14
N ASP A 11 8.86 -1.77 0.57
CA ASP A 11 8.04 -0.62 0.86
C ASP A 11 6.99 -0.42 -0.22
N LEU A 12 6.18 0.60 -0.05
CA LEU A 12 5.06 0.86 -0.93
C LEU A 12 5.41 1.92 -1.98
N PRO A 13 4.54 2.09 -2.99
CA PRO A 13 4.64 3.18 -3.96
C PRO A 13 4.67 4.56 -3.28
N TYR A 14 4.89 5.60 -4.07
CA TYR A 14 5.06 6.96 -3.57
C TYR A 14 3.78 7.47 -2.90
N GLY A 15 2.64 7.15 -3.51
CA GLY A 15 1.37 7.59 -2.98
C GLY A 15 1.00 6.92 -1.66
N TRP A 16 1.48 5.71 -1.45
CA TRP A 16 1.10 4.93 -0.28
C TRP A 16 1.93 5.27 0.96
N GLU A 17 1.23 5.68 2.01
CA GLU A 17 1.86 5.93 3.30
C GLU A 17 1.59 4.76 4.23
N GLN A 18 2.64 4.26 4.87
CA GLN A 18 2.52 3.18 5.83
C GLN A 18 2.18 3.75 7.21
N GLU A 19 0.91 3.68 7.56
CA GLU A 19 0.43 4.24 8.83
C GLU A 19 0.11 3.13 9.81
N THR A 20 -0.20 3.53 11.04
CA THR A 20 -0.64 2.58 12.06
C THR A 20 -1.97 3.02 12.66
N ASP A 21 -2.85 2.06 12.89
CA ASP A 21 -4.15 2.34 13.46
C ASP A 21 -4.06 2.43 14.98
N GLU A 22 -5.18 2.74 15.60
CA GLU A 22 -5.24 2.97 17.04
C GLU A 22 -5.04 1.67 17.81
N ASN A 23 -5.33 0.55 17.18
CA ASN A 23 -5.13 -0.76 17.80
C ASN A 23 -3.69 -1.21 17.63
N GLY A 24 -2.97 -0.51 16.78
CA GLY A 24 -1.56 -0.81 16.55
C GLY A 24 -1.36 -1.69 15.34
N GLN A 25 -2.40 -1.84 14.54
CA GLN A 25 -2.29 -2.57 13.29
C GLN A 25 -1.70 -1.65 12.24
N VAL A 26 -0.82 -2.18 11.41
CA VAL A 26 -0.27 -1.38 10.33
C VAL A 26 -1.17 -1.46 9.12
N PHE A 27 -1.18 -0.40 8.36
CA PHE A 27 -2.00 -0.32 7.17
C PHE A 27 -1.44 0.72 6.22
N PHE A 28 -1.81 0.57 4.97
CA PHE A 28 -1.27 1.42 3.92
C PHE A 28 -2.37 2.27 3.32
N VAL A 29 -2.11 3.55 3.18
CA VAL A 29 -3.08 4.45 2.59
C VAL A 29 -2.47 5.28 1.49
N ASP A 30 -3.02 5.13 0.30
CA ASP A 30 -2.65 5.94 -0.83
C ASP A 30 -3.21 7.34 -0.64
N HIS A 31 -2.35 8.34 -0.61
CA HIS A 31 -2.80 9.70 -0.38
C HIS A 31 -3.03 10.41 -1.70
N ILE A 32 -2.82 9.69 -2.79
CA ILE A 32 -3.11 10.20 -4.12
C ILE A 32 -4.43 9.62 -4.62
N ASN A 33 -4.54 8.30 -4.55
CA ASN A 33 -5.74 7.60 -4.99
C ASN A 33 -6.74 7.46 -3.84
N LYS A 34 -6.28 7.78 -2.64
CA LYS A 34 -7.13 7.81 -1.43
C LYS A 34 -7.71 6.44 -1.09
N ARG A 35 -6.84 5.45 -0.90
CA ARG A 35 -7.28 4.12 -0.49
C ARG A 35 -6.56 3.68 0.79
N THR A 36 -7.33 3.31 1.81
CA THR A 36 -6.78 2.76 3.03
C THR A 36 -6.95 1.24 3.06
N THR A 37 -5.85 0.50 3.04
CA THR A 37 -5.91 -0.95 3.10
C THR A 37 -5.05 -1.47 4.25
N TYR A 38 -5.59 -2.40 5.02
CA TYR A 38 -4.85 -2.99 6.14
C TYR A 38 -3.97 -4.13 5.67
N LEU A 39 -4.06 -4.45 4.39
CA LEU A 39 -3.22 -5.50 3.80
C LEU A 39 -2.41 -4.91 2.66
N ASP A 40 -1.41 -5.67 2.21
CA ASP A 40 -0.55 -5.25 1.11
C ASP A 40 -1.30 -5.22 -0.21
N PRO A 41 -1.30 -4.09 -0.91
CA PRO A 41 -1.86 -4.00 -2.22
C PRO A 41 -0.81 -4.30 -3.28
N ARG A 42 -0.90 -3.60 -4.40
CA ARG A 42 0.04 -3.77 -5.53
C ARG A 42 -0.03 -5.16 -6.19
N LEU A 43 -0.52 -6.16 -5.46
CA LEU A 43 -0.61 -7.53 -5.96
C LEU A 43 -1.52 -7.60 -7.19
N ALA A 44 -2.80 -7.81 -6.96
CA ALA A 44 -3.77 -7.89 -8.05
C ALA A 44 -4.60 -6.61 -8.13
N PHE A 45 -4.25 -5.66 -7.29
CA PHE A 45 -4.96 -4.40 -7.20
C PHE A 45 -4.04 -3.25 -7.59
N THR A 46 -3.23 -3.50 -8.59
CA THR A 46 -2.21 -2.57 -9.03
C THR A 46 -2.82 -1.30 -9.63
N VAL A 47 -3.58 -1.45 -10.70
CA VAL A 47 -4.08 -0.30 -11.44
C VAL A 47 -5.49 0.11 -10.98
N ASP A 48 -5.52 0.75 -9.80
CA ASP A 48 -6.73 1.42 -9.29
C ASP A 48 -7.84 0.46 -8.90
N ASP A 49 -8.50 -0.11 -9.92
CA ASP A 49 -9.78 -0.79 -9.72
C ASP A 49 -9.66 -2.08 -8.94
N ASN A 50 -10.45 -2.16 -7.88
CA ASN A 50 -10.61 -3.35 -7.07
C ASN A 50 -11.71 -3.09 -6.05
N PRO A 51 -12.65 -4.05 -5.88
CA PRO A 51 -13.79 -3.92 -4.95
C PRO A 51 -13.38 -3.33 -3.60
N THR A 52 -13.68 -2.05 -3.42
CA THR A 52 -13.35 -1.33 -2.21
C THR A 52 -14.27 -1.74 -1.05
N LYS A 53 -13.91 -2.82 -0.38
CA LYS A 53 -14.70 -3.31 0.74
C LYS A 53 -13.89 -3.24 2.03
N PRO A 54 -14.24 -2.31 2.92
CA PRO A 54 -13.60 -2.17 4.22
C PRO A 54 -14.14 -3.20 5.21
N GLY A 1 1.92 16.19 10.18
CA GLY A 1 2.78 15.31 9.35
C GLY A 1 3.26 14.12 10.13
N SER A 2 3.73 13.09 9.43
CA SER A 2 4.19 11.87 10.05
C SER A 2 5.63 12.02 10.56
N ALA A 3 5.81 12.88 11.55
CA ALA A 3 7.13 13.10 12.13
C ALA A 3 7.42 12.06 13.21
N LYS A 4 7.50 10.80 12.80
CA LYS A 4 7.77 9.70 13.73
C LYS A 4 8.93 8.86 13.19
N ARG A 5 10.10 9.48 13.09
CA ARG A 5 11.30 8.88 12.51
C ARG A 5 11.17 8.75 11.00
N LYS A 6 12.24 9.08 10.29
CA LYS A 6 12.22 9.07 8.84
C LYS A 6 13.25 8.09 8.30
N ARG A 7 13.08 7.71 7.03
CA ARG A 7 13.98 6.78 6.35
C ARG A 7 13.94 5.41 7.01
N VAL A 8 12.72 4.94 7.28
CA VAL A 8 12.52 3.65 7.91
C VAL A 8 11.91 2.66 6.92
N ALA A 9 12.54 2.60 5.74
CA ALA A 9 12.10 1.74 4.63
C ALA A 9 10.88 2.33 3.92
N GLY A 10 10.71 1.95 2.67
CA GLY A 10 9.61 2.44 1.87
C GLY A 10 9.29 1.48 0.74
N ASP A 11 8.69 0.36 1.08
CA ASP A 11 8.43 -0.70 0.11
C ASP A 11 7.19 -0.40 -0.72
N LEU A 12 6.39 0.55 -0.26
CA LEU A 12 5.16 0.90 -0.94
C LEU A 12 5.41 1.86 -2.09
N PRO A 13 4.51 1.89 -3.08
CA PRO A 13 4.56 2.87 -4.18
C PRO A 13 4.54 4.31 -3.67
N TYR A 14 4.84 5.24 -4.58
CA TYR A 14 4.99 6.66 -4.24
C TYR A 14 3.76 7.21 -3.52
N GLY A 15 2.57 6.80 -3.95
CA GLY A 15 1.34 7.33 -3.37
C GLY A 15 1.00 6.75 -2.03
N TRP A 16 1.52 5.56 -1.75
CA TRP A 16 1.16 4.83 -0.55
C TRP A 16 2.03 5.18 0.64
N GLU A 17 1.38 5.46 1.76
CA GLU A 17 2.06 5.70 3.02
C GLU A 17 1.74 4.56 3.98
N GLN A 18 2.74 4.14 4.75
CA GLN A 18 2.56 3.06 5.71
C GLN A 18 2.22 3.63 7.09
N GLU A 19 0.95 3.56 7.47
CA GLU A 19 0.50 4.11 8.73
C GLU A 19 0.14 3.01 9.71
N THR A 20 -0.06 3.39 10.96
CA THR A 20 -0.49 2.46 11.99
C THR A 20 -1.75 2.98 12.66
N ASP A 21 -2.73 2.10 12.82
CA ASP A 21 -4.01 2.47 13.41
C ASP A 21 -3.90 2.56 14.93
N GLU A 22 -5.02 2.82 15.56
CA GLU A 22 -5.09 2.99 17.01
C GLU A 22 -4.81 1.68 17.74
N ASN A 23 -5.20 0.57 17.13
CA ASN A 23 -5.01 -0.75 17.73
C ASN A 23 -3.57 -1.20 17.58
N GLY A 24 -2.89 -0.64 16.59
CA GLY A 24 -1.51 -1.00 16.33
C GLY A 24 -1.40 -1.90 15.12
N GLN A 25 -2.46 -1.96 14.34
CA GLN A 25 -2.45 -2.69 13.09
C GLN A 25 -1.90 -1.78 12.01
N VAL A 26 -1.06 -2.34 11.16
CA VAL A 26 -0.52 -1.56 10.06
C VAL A 26 -1.48 -1.57 8.90
N PHE A 27 -1.39 -0.53 8.09
CA PHE A 27 -2.23 -0.39 6.92
C PHE A 27 -1.60 0.60 5.97
N PHE A 28 -2.03 0.55 4.73
CA PHE A 28 -1.47 1.40 3.70
C PHE A 28 -2.53 2.30 3.11
N VAL A 29 -2.20 3.56 2.93
CA VAL A 29 -3.13 4.52 2.37
C VAL A 29 -2.49 5.31 1.24
N ASP A 30 -3.11 5.23 0.08
CA ASP A 30 -2.72 6.06 -1.05
C ASP A 30 -3.23 7.46 -0.79
N HIS A 31 -2.34 8.41 -0.70
CA HIS A 31 -2.70 9.75 -0.27
C HIS A 31 -3.14 10.62 -1.44
N ILE A 32 -3.05 10.07 -2.65
CA ILE A 32 -3.52 10.79 -3.82
C ILE A 32 -5.00 10.52 -4.05
N ASN A 33 -5.41 9.27 -3.88
CA ASN A 33 -6.81 8.89 -4.06
C ASN A 33 -7.50 8.73 -2.71
N LYS A 34 -6.73 8.83 -1.64
CA LYS A 34 -7.24 8.71 -0.28
C LYS A 34 -7.91 7.36 -0.06
N ARG A 35 -7.15 6.29 -0.26
CA ARG A 35 -7.68 4.94 -0.08
C ARG A 35 -6.87 4.18 0.97
N THR A 36 -7.54 3.74 2.02
CA THR A 36 -6.91 3.03 3.11
C THR A 36 -7.17 1.52 3.00
N THR A 37 -6.10 0.74 2.90
CA THR A 37 -6.23 -0.71 2.88
C THR A 37 -5.35 -1.33 3.96
N TYR A 38 -5.88 -2.34 4.66
CA TYR A 38 -5.12 -3.04 5.67
C TYR A 38 -4.37 -4.21 5.04
N LEU A 39 -4.61 -4.42 3.75
CA LEU A 39 -3.91 -5.44 3.00
C LEU A 39 -2.88 -4.80 2.09
N ASP A 40 -1.87 -5.57 1.71
CA ASP A 40 -0.77 -5.06 0.91
C ASP A 40 -1.16 -4.94 -0.56
N PRO A 41 -1.08 -3.72 -1.14
CA PRO A 41 -1.40 -3.47 -2.53
C PRO A 41 -0.23 -3.84 -3.47
N ARG A 42 0.26 -5.06 -3.35
CA ARG A 42 1.40 -5.50 -4.13
C ARG A 42 1.05 -6.70 -5.00
N LEU A 43 0.36 -7.67 -4.41
CA LEU A 43 0.03 -8.92 -5.10
C LEU A 43 -0.77 -8.68 -6.38
N ALA A 44 -2.06 -8.40 -6.23
CA ALA A 44 -2.93 -8.21 -7.38
C ALA A 44 -3.21 -6.74 -7.63
N PHE A 45 -2.46 -5.89 -6.96
CA PHE A 45 -2.68 -4.46 -7.05
C PHE A 45 -1.47 -3.75 -7.62
N THR A 46 -1.73 -2.86 -8.57
CA THR A 46 -0.71 -1.98 -9.10
C THR A 46 -0.97 -0.57 -8.58
N VAL A 47 -1.09 0.38 -9.49
CA VAL A 47 -1.64 1.68 -9.14
C VAL A 47 -3.14 1.68 -9.47
N ASP A 48 -3.55 0.64 -10.17
CA ASP A 48 -4.93 0.48 -10.62
C ASP A 48 -5.62 -0.62 -9.80
N ASP A 49 -6.94 -0.50 -9.67
CA ASP A 49 -7.71 -1.39 -8.81
C ASP A 49 -8.18 -2.63 -9.57
N ASN A 50 -8.73 -3.59 -8.85
CA ASN A 50 -9.25 -4.81 -9.46
C ASN A 50 -10.77 -4.73 -9.56
N PRO A 51 -11.32 -4.92 -10.77
CA PRO A 51 -12.76 -4.87 -11.00
C PRO A 51 -13.49 -6.13 -10.54
N THR A 52 -13.13 -6.59 -9.34
CA THR A 52 -13.71 -7.79 -8.74
C THR A 52 -13.57 -9.00 -9.68
N LYS A 53 -14.69 -9.40 -10.27
CA LYS A 53 -14.73 -10.55 -11.17
C LYS A 53 -16.06 -10.58 -11.89
N PRO A 54 -16.19 -11.38 -12.97
CA PRO A 54 -17.47 -11.53 -13.67
C PRO A 54 -18.59 -12.01 -12.75
N GLY A 1 7.59 -7.94 19.07
CA GLY A 1 8.64 -8.00 18.03
C GLY A 1 8.09 -8.49 16.70
N SER A 2 8.69 -8.04 15.61
CA SER A 2 8.27 -8.44 14.28
C SER A 2 8.81 -9.83 13.95
N ALA A 3 7.94 -10.82 13.97
CA ALA A 3 8.33 -12.20 13.69
C ALA A 3 8.47 -12.44 12.19
N LYS A 4 9.35 -11.67 11.57
CA LYS A 4 9.63 -11.79 10.15
C LYS A 4 11.11 -11.53 9.91
N ARG A 5 11.78 -12.51 9.30
CA ARG A 5 13.22 -12.40 9.05
C ARG A 5 13.51 -11.23 8.15
N LYS A 6 14.42 -10.35 8.60
CA LYS A 6 14.82 -9.14 7.87
C LYS A 6 13.73 -8.07 7.91
N ARG A 7 12.48 -8.49 8.07
CA ARG A 7 11.32 -7.59 8.10
C ARG A 7 11.18 -6.85 6.78
N VAL A 8 11.73 -7.44 5.71
CA VAL A 8 11.67 -6.83 4.39
C VAL A 8 10.33 -7.13 3.73
N ALA A 9 9.42 -6.16 3.81
CA ALA A 9 8.12 -6.28 3.17
C ALA A 9 8.14 -5.62 1.80
N GLY A 10 9.06 -4.68 1.63
CA GLY A 10 9.13 -3.94 0.38
C GLY A 10 8.47 -2.59 0.49
N ASP A 11 9.28 -1.53 0.43
CA ASP A 11 8.80 -0.17 0.57
C ASP A 11 7.68 0.14 -0.41
N LEU A 12 6.77 0.96 0.06
CA LEU A 12 5.54 1.26 -0.65
C LEU A 12 5.76 2.23 -1.81
N PRO A 13 4.86 2.23 -2.80
CA PRO A 13 4.91 3.15 -3.94
C PRO A 13 4.79 4.63 -3.54
N TYR A 14 4.68 5.48 -4.53
CA TYR A 14 4.73 6.92 -4.37
C TYR A 14 3.65 7.42 -3.41
N GLY A 15 2.41 7.08 -3.71
CA GLY A 15 1.28 7.60 -2.97
C GLY A 15 1.07 6.93 -1.63
N TRP A 16 1.67 5.77 -1.48
CA TRP A 16 1.41 4.93 -0.33
C TRP A 16 2.25 5.29 0.88
N GLU A 17 1.57 5.38 2.02
CA GLU A 17 2.22 5.65 3.29
C GLU A 17 1.95 4.50 4.25
N GLN A 18 2.98 4.06 4.97
CA GLN A 18 2.80 3.02 5.97
C GLN A 18 2.35 3.64 7.28
N GLU A 19 1.11 3.40 7.63
CA GLU A 19 0.53 3.98 8.82
C GLU A 19 0.11 2.90 9.80
N THR A 20 -0.18 3.31 11.02
CA THR A 20 -0.72 2.39 12.00
C THR A 20 -1.99 2.97 12.61
N ASP A 21 -3.00 2.13 12.74
CA ASP A 21 -4.29 2.56 13.24
C ASP A 21 -4.26 2.70 14.76
N GLU A 22 -5.41 3.06 15.31
CA GLU A 22 -5.54 3.33 16.74
C GLU A 22 -5.32 2.07 17.56
N ASN A 23 -5.70 0.93 17.00
CA ASN A 23 -5.54 -0.36 17.69
C ASN A 23 -4.08 -0.78 17.68
N GLY A 24 -3.43 -0.57 16.54
CA GLY A 24 -2.04 -0.94 16.39
C GLY A 24 -1.82 -1.84 15.19
N GLN A 25 -2.82 -1.89 14.33
CA GLN A 25 -2.74 -2.63 13.09
C GLN A 25 -2.10 -1.75 12.03
N VAL A 26 -1.06 -2.24 11.38
CA VAL A 26 -0.42 -1.48 10.33
C VAL A 26 -1.23 -1.58 9.05
N PHE A 27 -1.11 -0.54 8.25
CA PHE A 27 -1.84 -0.46 7.01
C PHE A 27 -1.23 0.58 6.09
N PHE A 28 -1.55 0.46 4.82
CA PHE A 28 -1.03 1.36 3.81
C PHE A 28 -2.16 2.16 3.21
N VAL A 29 -1.95 3.46 3.04
CA VAL A 29 -2.95 4.30 2.43
C VAL A 29 -2.38 5.07 1.26
N ASP A 30 -3.08 4.98 0.14
CA ASP A 30 -2.74 5.74 -1.05
C ASP A 30 -3.23 7.17 -0.86
N HIS A 31 -2.29 8.08 -0.69
CA HIS A 31 -2.62 9.47 -0.37
C HIS A 31 -2.92 10.27 -1.63
N ILE A 32 -3.03 9.59 -2.76
CA ILE A 32 -3.42 10.24 -4.00
C ILE A 32 -4.92 10.08 -4.22
N ASN A 33 -5.41 8.85 -4.14
CA ASN A 33 -6.83 8.58 -4.35
C ASN A 33 -7.55 8.32 -3.03
N LYS A 34 -6.79 8.36 -1.93
CA LYS A 34 -7.33 8.24 -0.57
C LYS A 34 -7.97 6.87 -0.34
N ARG A 35 -7.17 5.81 -0.45
CA ARG A 35 -7.64 4.46 -0.18
C ARG A 35 -6.77 3.78 0.89
N THR A 36 -7.42 3.10 1.83
CA THR A 36 -6.73 2.42 2.92
C THR A 36 -6.76 0.91 2.72
N THR A 37 -5.59 0.28 2.70
CA THR A 37 -5.52 -1.18 2.67
C THR A 37 -4.62 -1.69 3.80
N TYR A 38 -5.07 -2.73 4.47
CA TYR A 38 -4.32 -3.31 5.57
C TYR A 38 -3.35 -4.39 5.05
N LEU A 39 -3.41 -4.62 3.75
CA LEU A 39 -2.53 -5.58 3.10
C LEU A 39 -1.72 -4.90 2.01
N ASP A 40 -0.68 -5.59 1.55
CA ASP A 40 0.21 -5.06 0.51
C ASP A 40 -0.55 -4.87 -0.80
N PRO A 41 -0.43 -3.68 -1.43
CA PRO A 41 -1.22 -3.31 -2.61
C PRO A 41 -0.68 -3.83 -3.94
N ARG A 42 0.40 -4.61 -3.91
CA ARG A 42 0.99 -5.10 -5.16
C ARG A 42 0.24 -6.30 -5.71
N LEU A 43 -0.66 -6.84 -4.89
CA LEU A 43 -1.41 -8.02 -5.30
C LEU A 43 -2.67 -7.64 -6.10
N ALA A 44 -3.78 -7.41 -5.40
CA ALA A 44 -5.04 -7.16 -6.07
C ALA A 44 -5.44 -5.70 -5.99
N PHE A 45 -4.53 -4.87 -5.51
CA PHE A 45 -4.82 -3.46 -5.28
C PHE A 45 -4.03 -2.57 -6.25
N THR A 46 -3.60 -3.16 -7.35
CA THR A 46 -2.88 -2.43 -8.37
C THR A 46 -3.75 -2.23 -9.61
N VAL A 47 -4.41 -3.31 -10.04
CA VAL A 47 -5.30 -3.24 -11.19
C VAL A 47 -6.72 -3.59 -10.77
N ASP A 48 -7.66 -2.71 -11.12
CA ASP A 48 -9.09 -2.88 -10.81
C ASP A 48 -9.39 -2.65 -9.33
N ASP A 49 -8.50 -3.13 -8.46
CA ASP A 49 -8.61 -2.92 -7.02
C ASP A 49 -9.80 -3.69 -6.44
N ASN A 50 -10.16 -3.38 -5.19
CA ASN A 50 -11.25 -4.06 -4.51
C ASN A 50 -11.88 -3.14 -3.46
N PRO A 51 -11.10 -2.59 -2.50
CA PRO A 51 -11.60 -1.57 -1.58
C PRO A 51 -12.11 -0.35 -2.33
N THR A 52 -11.40 0.01 -3.39
CA THR A 52 -11.79 1.12 -4.24
C THR A 52 -12.46 0.63 -5.51
N LYS A 53 -13.40 -0.30 -5.34
CA LYS A 53 -14.18 -0.83 -6.46
C LYS A 53 -15.22 0.17 -6.97
N PRO A 54 -15.98 0.84 -6.07
CA PRO A 54 -16.95 1.87 -6.48
C PRO A 54 -16.31 2.97 -7.31
N GLY A 1 -5.18 7.74 -17.07
CA GLY A 1 -3.72 7.54 -17.12
C GLY A 1 -3.37 6.08 -17.38
N SER A 2 -2.66 5.84 -18.47
CA SER A 2 -2.29 4.49 -18.86
C SER A 2 -1.31 3.85 -17.87
N ALA A 3 -0.35 4.64 -17.40
CA ALA A 3 0.68 4.12 -16.52
C ALA A 3 1.21 5.21 -15.60
N LYS A 4 0.52 5.43 -14.48
CA LYS A 4 0.95 6.41 -13.49
C LYS A 4 1.99 5.80 -12.54
N ARG A 5 2.85 4.97 -13.10
CA ARG A 5 3.87 4.27 -12.32
C ARG A 5 5.24 4.49 -12.93
N LYS A 6 6.12 3.50 -12.77
CA LYS A 6 7.46 3.53 -13.35
C LYS A 6 8.32 4.63 -12.75
N ARG A 7 8.38 4.66 -11.43
CA ARG A 7 9.30 5.54 -10.72
C ARG A 7 10.22 4.70 -9.83
N VAL A 8 9.83 4.57 -8.57
CA VAL A 8 10.57 3.74 -7.63
C VAL A 8 9.62 3.21 -6.56
N ALA A 9 9.66 1.91 -6.32
CA ALA A 9 8.81 1.29 -5.31
C ALA A 9 9.56 0.19 -4.58
N GLY A 10 10.51 0.59 -3.73
CA GLY A 10 11.22 -0.38 -2.92
C GLY A 10 10.32 -0.98 -1.87
N ASP A 11 9.59 -0.11 -1.18
CA ASP A 11 8.56 -0.54 -0.26
C ASP A 11 7.19 -0.25 -0.87
N LEU A 12 6.64 0.91 -0.57
CA LEU A 12 5.40 1.34 -1.16
C LEU A 12 5.67 2.38 -2.23
N PRO A 13 4.76 2.54 -3.19
CA PRO A 13 4.79 3.65 -4.15
C PRO A 13 4.73 4.99 -3.44
N TYR A 14 5.10 6.05 -4.15
CA TYR A 14 5.22 7.39 -3.57
C TYR A 14 3.92 7.86 -2.91
N GLY A 15 2.79 7.54 -3.52
CA GLY A 15 1.50 7.97 -3.01
C GLY A 15 1.11 7.27 -1.71
N TRP A 16 1.68 6.10 -1.47
CA TRP A 16 1.32 5.28 -0.32
C TRP A 16 2.10 5.67 0.92
N GLU A 17 1.36 5.88 2.00
CA GLU A 17 1.96 6.08 3.31
C GLU A 17 1.66 4.88 4.18
N GLN A 18 2.63 4.45 4.97
CA GLN A 18 2.44 3.34 5.88
C GLN A 18 2.05 3.86 7.26
N GLU A 19 0.80 3.68 7.63
CA GLU A 19 0.27 4.22 8.87
C GLU A 19 -0.10 3.11 9.84
N THR A 20 -0.34 3.48 11.08
CA THR A 20 -0.77 2.52 12.09
C THR A 20 -2.17 2.85 12.57
N ASP A 21 -2.98 1.81 12.78
CA ASP A 21 -4.34 1.98 13.23
C ASP A 21 -4.39 2.18 14.74
N GLU A 22 -5.60 2.33 15.24
CA GLU A 22 -5.83 2.59 16.66
C GLU A 22 -5.32 1.44 17.54
N ASN A 23 -5.39 0.23 17.01
CA ASN A 23 -4.99 -0.95 17.75
C ASN A 23 -3.47 -1.14 17.68
N GLY A 24 -2.92 -0.97 16.49
CA GLY A 24 -1.49 -1.12 16.29
C GLY A 24 -1.17 -1.90 15.04
N GLN A 25 -2.21 -2.21 14.27
CA GLN A 25 -2.05 -2.89 13.00
C GLN A 25 -1.61 -1.88 11.95
N VAL A 26 -0.66 -2.27 11.12
CA VAL A 26 -0.18 -1.38 10.09
C VAL A 26 -1.00 -1.51 8.82
N PHE A 27 -1.05 -0.44 8.07
CA PHE A 27 -1.81 -0.40 6.83
C PHE A 27 -1.23 0.64 5.91
N PHE A 28 -1.57 0.53 4.65
CA PHE A 28 -1.02 1.40 3.63
C PHE A 28 -2.13 2.25 3.03
N VAL A 29 -1.89 3.54 2.90
CA VAL A 29 -2.88 4.42 2.34
C VAL A 29 -2.27 5.33 1.28
N ASP A 30 -2.79 5.20 0.07
CA ASP A 30 -2.44 6.10 -1.02
C ASP A 30 -3.20 7.40 -0.81
N HIS A 31 -2.47 8.45 -0.48
CA HIS A 31 -3.10 9.72 -0.13
C HIS A 31 -3.46 10.50 -1.38
N ILE A 32 -3.01 10.02 -2.53
CA ILE A 32 -3.34 10.67 -3.80
C ILE A 32 -4.76 10.33 -4.23
N ASN A 33 -5.04 9.04 -4.34
CA ASN A 33 -6.36 8.58 -4.79
C ASN A 33 -7.25 8.19 -3.61
N LYS A 34 -6.71 8.32 -2.40
CA LYS A 34 -7.47 8.11 -1.17
C LYS A 34 -7.86 6.64 -0.98
N ARG A 35 -6.86 5.76 -0.89
CA ARG A 35 -7.11 4.34 -0.66
C ARG A 35 -6.39 3.85 0.58
N THR A 36 -7.16 3.35 1.54
CA THR A 36 -6.61 2.79 2.76
C THR A 36 -6.76 1.27 2.75
N THR A 37 -5.65 0.56 2.69
CA THR A 37 -5.69 -0.90 2.68
C THR A 37 -4.79 -1.47 3.77
N TYR A 38 -5.33 -2.39 4.55
CA TYR A 38 -4.58 -3.02 5.62
C TYR A 38 -3.73 -4.16 5.08
N LEU A 39 -3.97 -4.52 3.83
CA LEU A 39 -3.21 -5.56 3.17
C LEU A 39 -2.32 -4.97 2.09
N ASP A 40 -1.33 -5.73 1.66
CA ASP A 40 -0.36 -5.26 0.67
C ASP A 40 -1.04 -4.97 -0.67
N PRO A 41 -0.89 -3.74 -1.17
CA PRO A 41 -1.57 -3.28 -2.39
C PRO A 41 -1.12 -4.03 -3.64
N ARG A 42 0.06 -4.63 -3.60
CA ARG A 42 0.64 -5.27 -4.78
C ARG A 42 0.03 -6.65 -5.02
N LEU A 43 -0.78 -7.13 -4.07
CA LEU A 43 -1.38 -8.44 -4.16
C LEU A 43 -2.41 -8.53 -5.29
N ALA A 44 -3.67 -8.30 -4.96
CA ALA A 44 -4.76 -8.47 -5.92
C ALA A 44 -5.31 -7.14 -6.42
N PHE A 45 -4.73 -6.06 -5.94
CA PHE A 45 -5.27 -4.73 -6.21
C PHE A 45 -4.55 -4.07 -7.38
N THR A 46 -3.38 -4.58 -7.72
CA THR A 46 -2.61 -4.06 -8.82
C THR A 46 -2.82 -4.89 -10.09
N VAL A 47 -2.37 -4.37 -11.22
CA VAL A 47 -2.33 -5.13 -12.45
C VAL A 47 -0.93 -5.72 -12.64
N ASP A 48 0.01 -5.19 -11.85
CA ASP A 48 1.40 -5.63 -11.85
C ASP A 48 2.04 -5.49 -13.23
N ASP A 49 3.10 -6.25 -13.46
CA ASP A 49 3.81 -6.24 -14.73
C ASP A 49 4.09 -7.66 -15.19
N ASN A 50 4.00 -8.60 -14.25
CA ASN A 50 4.21 -10.01 -14.54
C ASN A 50 2.92 -10.78 -14.35
N PRO A 51 2.37 -11.36 -15.43
CA PRO A 51 1.12 -12.12 -15.36
C PRO A 51 1.34 -13.54 -14.80
N THR A 52 0.27 -14.11 -14.29
CA THR A 52 0.30 -15.48 -13.79
C THR A 52 0.37 -16.45 -14.96
N LYS A 53 -0.74 -16.58 -15.66
CA LYS A 53 -0.82 -17.39 -16.87
C LYS A 53 -1.70 -16.69 -17.91
N PRO A 54 -2.92 -16.26 -17.53
CA PRO A 54 -3.74 -15.41 -18.39
C PRO A 54 -3.36 -13.94 -18.26
N GLY A 1 27.39 -5.74 -10.48
CA GLY A 1 26.16 -6.06 -9.71
C GLY A 1 25.10 -4.99 -9.90
N SER A 2 23.94 -5.21 -9.30
CA SER A 2 22.82 -4.28 -9.42
C SER A 2 22.00 -4.27 -8.13
N ALA A 3 21.33 -3.15 -7.87
CA ALA A 3 20.47 -3.04 -6.70
C ALA A 3 19.15 -3.77 -6.96
N LYS A 4 18.61 -4.39 -5.92
CA LYS A 4 17.40 -5.19 -6.07
C LYS A 4 16.26 -4.64 -5.22
N ARG A 5 16.40 -4.70 -3.91
CA ARG A 5 15.32 -4.32 -3.01
C ARG A 5 15.82 -4.02 -1.61
N LYS A 6 16.01 -2.74 -1.32
CA LYS A 6 16.30 -2.31 0.04
C LYS A 6 15.07 -1.61 0.62
N ARG A 7 14.44 -2.24 1.59
CA ARG A 7 13.20 -1.72 2.16
C ARG A 7 13.48 -0.68 3.24
N VAL A 8 14.11 0.41 2.85
CA VAL A 8 14.38 1.51 3.77
C VAL A 8 13.38 2.64 3.55
N ALA A 9 13.56 3.38 2.48
CA ALA A 9 12.66 4.47 2.15
C ALA A 9 11.95 4.21 0.83
N GLY A 10 10.63 4.23 0.87
CA GLY A 10 9.85 4.04 -0.34
C GLY A 10 9.65 2.57 -0.70
N ASP A 11 9.12 1.80 0.25
CA ASP A 11 8.77 0.40 -0.02
C ASP A 11 7.55 0.36 -0.93
N LEU A 12 6.53 1.11 -0.55
CA LEU A 12 5.32 1.25 -1.34
C LEU A 12 5.53 2.29 -2.44
N PRO A 13 4.59 2.41 -3.38
CA PRO A 13 4.59 3.50 -4.37
C PRO A 13 4.60 4.87 -3.68
N TYR A 14 4.90 5.91 -4.45
CA TYR A 14 5.12 7.23 -3.89
C TYR A 14 3.87 7.77 -3.17
N GLY A 15 2.71 7.50 -3.75
CA GLY A 15 1.46 7.96 -3.16
C GLY A 15 1.10 7.26 -1.85
N TRP A 16 1.61 6.05 -1.67
CA TRP A 16 1.25 5.24 -0.50
C TRP A 16 2.08 5.58 0.72
N GLU A 17 1.43 5.52 1.87
CA GLU A 17 2.09 5.70 3.15
C GLU A 17 1.77 4.53 4.07
N GLN A 18 2.72 4.21 4.94
CA GLN A 18 2.54 3.15 5.91
C GLN A 18 2.09 3.74 7.25
N GLU A 19 0.81 3.61 7.54
CA GLU A 19 0.25 4.15 8.77
C GLU A 19 -0.03 3.03 9.77
N THR A 20 -0.51 3.41 10.94
CA THR A 20 -0.89 2.45 11.95
C THR A 20 -2.28 2.78 12.49
N ASP A 21 -3.09 1.76 12.71
CA ASP A 21 -4.41 1.95 13.26
C ASP A 21 -4.32 2.17 14.76
N GLU A 22 -5.46 2.41 15.38
CA GLU A 22 -5.52 2.77 16.80
C GLU A 22 -5.11 1.60 17.69
N ASN A 23 -5.29 0.38 17.18
CA ASN A 23 -4.95 -0.82 17.95
C ASN A 23 -3.48 -1.16 17.77
N GLY A 24 -2.96 -0.89 16.59
CA GLY A 24 -1.56 -1.13 16.30
C GLY A 24 -1.37 -2.00 15.08
N GLN A 25 -2.43 -2.14 14.29
CA GLN A 25 -2.34 -2.85 13.04
C GLN A 25 -1.83 -1.90 11.97
N VAL A 26 -1.01 -2.42 11.07
CA VAL A 26 -0.48 -1.59 10.01
C VAL A 26 -1.37 -1.64 8.79
N PHE A 27 -1.28 -0.58 8.00
CA PHE A 27 -2.05 -0.47 6.78
C PHE A 27 -1.43 0.60 5.90
N PHE A 28 -1.75 0.55 4.63
CA PHE A 28 -1.18 1.46 3.67
C PHE A 28 -2.26 2.33 3.07
N VAL A 29 -1.93 3.60 2.87
CA VAL A 29 -2.91 4.54 2.33
C VAL A 29 -2.33 5.35 1.20
N ASP A 30 -3.00 5.29 0.07
CA ASP A 30 -2.70 6.16 -1.07
C ASP A 30 -3.20 7.55 -0.73
N HIS A 31 -2.27 8.50 -0.61
CA HIS A 31 -2.64 9.85 -0.18
C HIS A 31 -3.09 10.70 -1.37
N ILE A 32 -2.99 10.13 -2.55
CA ILE A 32 -3.40 10.82 -3.77
C ILE A 32 -4.82 10.43 -4.14
N ASN A 33 -5.07 9.13 -4.16
CA ASN A 33 -6.36 8.59 -4.53
C ASN A 33 -7.20 8.26 -3.30
N LYS A 34 -6.58 8.39 -2.13
CA LYS A 34 -7.25 8.20 -0.83
C LYS A 34 -7.77 6.77 -0.64
N ARG A 35 -6.88 5.79 -0.74
CA ARG A 35 -7.25 4.40 -0.53
C ARG A 35 -6.48 3.80 0.62
N THR A 36 -7.20 3.34 1.63
CA THR A 36 -6.59 2.72 2.81
C THR A 36 -6.78 1.21 2.77
N THR A 37 -5.69 0.47 2.68
CA THR A 37 -5.75 -0.99 2.69
C THR A 37 -4.86 -1.56 3.77
N TYR A 38 -5.39 -2.48 4.56
CA TYR A 38 -4.64 -3.10 5.64
C TYR A 38 -3.57 -4.05 5.11
N LEU A 39 -3.82 -4.59 3.92
CA LEU A 39 -2.86 -5.49 3.29
C LEU A 39 -2.14 -4.80 2.15
N ASP A 40 -1.12 -5.45 1.64
CA ASP A 40 -0.27 -4.85 0.60
C ASP A 40 -1.00 -4.84 -0.75
N PRO A 41 -1.19 -3.65 -1.32
CA PRO A 41 -1.94 -3.48 -2.57
C PRO A 41 -1.16 -3.92 -3.80
N ARG A 42 0.03 -4.47 -3.60
CA ARG A 42 0.86 -4.96 -4.70
C ARG A 42 0.47 -6.38 -5.08
N LEU A 43 -0.41 -6.98 -4.28
CA LEU A 43 -0.83 -8.34 -4.52
C LEU A 43 -2.10 -8.38 -5.39
N ALA A 44 -3.25 -8.60 -4.78
CA ALA A 44 -4.49 -8.75 -5.53
C ALA A 44 -5.29 -7.46 -5.60
N PHE A 45 -4.71 -6.39 -5.05
CA PHE A 45 -5.42 -5.12 -4.97
C PHE A 45 -4.98 -4.16 -6.07
N THR A 46 -4.07 -4.61 -6.91
CA THR A 46 -3.56 -3.78 -8.00
C THR A 46 -4.44 -3.93 -9.24
N VAL A 47 -4.59 -2.83 -9.97
CA VAL A 47 -5.41 -2.82 -11.19
C VAL A 47 -4.73 -3.65 -12.27
N ASP A 48 -5.18 -4.89 -12.41
CA ASP A 48 -4.66 -5.81 -13.41
C ASP A 48 -5.79 -6.69 -13.90
N ASP A 49 -6.46 -7.37 -12.97
CA ASP A 49 -7.71 -8.06 -13.26
C ASP A 49 -8.85 -7.16 -12.83
N ASN A 50 -10.06 -7.54 -13.16
CA ASN A 50 -11.23 -6.79 -12.74
C ASN A 50 -11.67 -7.29 -11.36
N PRO A 51 -11.61 -6.40 -10.35
CA PRO A 51 -11.95 -6.77 -8.97
C PRO A 51 -13.27 -7.51 -8.85
N THR A 52 -13.21 -8.74 -8.35
CA THR A 52 -14.39 -9.58 -8.25
C THR A 52 -15.23 -9.22 -7.02
N LYS A 53 -15.37 -7.92 -6.77
CA LYS A 53 -16.18 -7.39 -5.69
C LYS A 53 -17.03 -6.24 -6.22
N PRO A 54 -18.15 -6.56 -6.89
CA PRO A 54 -18.99 -5.57 -7.58
C PRO A 54 -19.36 -4.40 -6.68
N GLY A 1 17.61 -5.29 10.73
CA GLY A 1 16.88 -6.44 10.12
C GLY A 1 17.64 -7.73 10.30
N SER A 2 16.96 -8.73 10.86
CA SER A 2 17.60 -10.02 11.14
C SER A 2 16.73 -11.17 10.63
N ALA A 3 15.53 -11.30 11.17
CA ALA A 3 14.63 -12.37 10.79
C ALA A 3 14.03 -12.12 9.41
N LYS A 4 14.23 -13.06 8.50
CA LYS A 4 13.73 -12.93 7.14
C LYS A 4 12.26 -13.29 7.05
N ARG A 5 11.51 -12.47 6.32
CA ARG A 5 10.09 -12.71 6.09
C ARG A 5 9.78 -12.47 4.61
N LYS A 6 10.39 -13.29 3.75
CA LYS A 6 10.29 -13.12 2.31
C LYS A 6 10.61 -11.68 1.93
N ARG A 7 11.78 -11.24 2.39
CA ARG A 7 12.15 -9.83 2.30
C ARG A 7 12.73 -9.49 0.94
N VAL A 8 11.89 -9.53 -0.08
CA VAL A 8 12.26 -9.03 -1.39
C VAL A 8 12.07 -7.52 -1.41
N ALA A 9 11.29 -7.05 -0.43
CA ALA A 9 11.08 -5.62 -0.20
C ALA A 9 10.35 -4.95 -1.36
N GLY A 10 9.18 -5.48 -1.68
CA GLY A 10 8.30 -4.81 -2.61
C GLY A 10 7.49 -3.76 -1.91
N ASP A 11 8.09 -2.59 -1.71
CA ASP A 11 7.50 -1.56 -0.88
C ASP A 11 6.37 -0.85 -1.61
N LEU A 12 5.88 0.22 -1.00
CA LEU A 12 4.72 0.92 -1.51
C LEU A 12 5.13 1.97 -2.55
N PRO A 13 4.22 2.24 -3.50
CA PRO A 13 4.34 3.35 -4.43
C PRO A 13 4.45 4.70 -3.72
N TYR A 14 4.65 5.76 -4.49
CA TYR A 14 4.90 7.08 -3.91
C TYR A 14 3.67 7.59 -3.14
N GLY A 15 2.49 7.34 -3.68
CA GLY A 15 1.27 7.81 -3.05
C GLY A 15 0.99 7.10 -1.74
N TRP A 16 1.43 5.85 -1.63
CA TRP A 16 1.11 5.02 -0.49
C TRP A 16 2.01 5.27 0.71
N GLU A 17 1.38 5.41 1.87
CA GLU A 17 2.09 5.55 3.12
C GLU A 17 1.78 4.36 4.02
N GLN A 18 2.79 3.90 4.75
CA GLN A 18 2.62 2.81 5.70
C GLN A 18 2.26 3.37 7.07
N GLU A 19 0.99 3.30 7.42
CA GLU A 19 0.51 3.89 8.66
C GLU A 19 0.12 2.82 9.65
N THR A 20 -0.10 3.25 10.89
CA THR A 20 -0.55 2.35 11.94
C THR A 20 -1.87 2.84 12.53
N ASP A 21 -2.80 1.92 12.73
CA ASP A 21 -4.09 2.25 13.30
C ASP A 21 -4.00 2.29 14.81
N GLU A 22 -5.13 2.56 15.45
CA GLU A 22 -5.18 2.74 16.89
C GLU A 22 -5.03 1.41 17.62
N ASN A 23 -5.20 0.32 16.91
CA ASN A 23 -5.03 -1.02 17.47
C ASN A 23 -3.57 -1.46 17.34
N GLY A 24 -2.80 -0.70 16.58
CA GLY A 24 -1.42 -1.03 16.35
C GLY A 24 -1.25 -1.96 15.15
N GLN A 25 -2.29 -2.02 14.33
CA GLN A 25 -2.24 -2.79 13.11
C GLN A 25 -1.79 -1.89 11.97
N VAL A 26 -1.03 -2.43 11.03
CA VAL A 26 -0.52 -1.64 9.93
C VAL A 26 -1.51 -1.63 8.79
N PHE A 27 -1.42 -0.60 7.98
CA PHE A 27 -2.24 -0.46 6.80
C PHE A 27 -1.60 0.57 5.87
N PHE A 28 -2.00 0.53 4.62
CA PHE A 28 -1.41 1.39 3.62
C PHE A 28 -2.47 2.32 3.05
N VAL A 29 -2.11 3.59 2.91
CA VAL A 29 -3.04 4.57 2.37
C VAL A 29 -2.38 5.39 1.28
N ASP A 30 -2.99 5.40 0.11
CA ASP A 30 -2.60 6.29 -0.95
C ASP A 30 -3.11 7.68 -0.64
N HIS A 31 -2.26 8.67 -0.74
CA HIS A 31 -2.61 10.01 -0.31
C HIS A 31 -3.07 10.87 -1.47
N ILE A 32 -3.05 10.32 -2.68
CA ILE A 32 -3.50 11.03 -3.86
C ILE A 32 -4.99 10.76 -4.11
N ASN A 33 -5.35 9.50 -4.24
CA ASN A 33 -6.74 9.12 -4.47
C ASN A 33 -7.43 8.79 -3.16
N LYS A 34 -6.62 8.60 -2.13
CA LYS A 34 -7.10 8.34 -0.76
C LYS A 34 -7.73 6.96 -0.64
N ARG A 35 -6.90 5.93 -0.68
CA ARG A 35 -7.36 4.57 -0.44
C ARG A 35 -6.61 3.95 0.72
N THR A 36 -7.33 3.58 1.77
CA THR A 36 -6.76 2.95 2.95
C THR A 36 -7.05 1.45 2.96
N THR A 37 -6.02 0.64 2.82
CA THR A 37 -6.17 -0.81 2.82
C THR A 37 -5.25 -1.46 3.85
N TYR A 38 -5.77 -2.46 4.56
CA TYR A 38 -4.98 -3.23 5.51
C TYR A 38 -4.10 -4.26 4.79
N LEU A 39 -4.41 -4.50 3.53
CA LEU A 39 -3.69 -5.47 2.73
C LEU A 39 -2.72 -4.78 1.78
N ASP A 40 -1.68 -5.51 1.40
CA ASP A 40 -0.61 -4.96 0.57
C ASP A 40 -1.08 -4.75 -0.88
N PRO A 41 -1.00 -3.52 -1.38
CA PRO A 41 -1.43 -3.16 -2.74
C PRO A 41 -0.53 -3.78 -3.80
N ARG A 42 0.58 -4.37 -3.40
CA ARG A 42 1.48 -5.01 -4.34
C ARG A 42 1.12 -6.48 -4.51
N LEU A 43 0.24 -6.99 -3.67
CA LEU A 43 -0.19 -8.38 -3.75
C LEU A 43 -1.30 -8.56 -4.79
N ALA A 44 -2.54 -8.46 -4.36
CA ALA A 44 -3.69 -8.74 -5.23
C ALA A 44 -4.40 -7.47 -5.68
N PHE A 45 -3.78 -6.34 -5.46
CA PHE A 45 -4.39 -5.06 -5.84
C PHE A 45 -3.93 -4.63 -7.22
N THR A 46 -3.53 -5.61 -8.02
CA THR A 46 -3.13 -5.37 -9.38
C THR A 46 -4.34 -4.94 -10.22
N VAL A 47 -5.43 -5.67 -10.07
CA VAL A 47 -6.66 -5.37 -10.78
C VAL A 47 -7.71 -4.85 -9.82
N ASP A 48 -8.47 -3.87 -10.27
CA ASP A 48 -9.55 -3.30 -9.47
C ASP A 48 -10.72 -4.28 -9.41
N ASP A 49 -10.70 -5.13 -8.39
CA ASP A 49 -11.67 -6.20 -8.22
C ASP A 49 -11.66 -7.15 -9.43
N ASN A 50 -12.75 -7.16 -10.19
CA ASN A 50 -12.86 -8.03 -11.36
C ASN A 50 -14.02 -7.58 -12.25
N PRO A 51 -13.75 -7.34 -13.54
CA PRO A 51 -14.78 -6.94 -14.51
C PRO A 51 -15.70 -8.09 -14.89
N THR A 52 -15.30 -9.31 -14.54
CA THR A 52 -16.11 -10.49 -14.81
C THR A 52 -17.21 -10.65 -13.76
N LYS A 53 -18.20 -9.78 -13.85
CA LYS A 53 -19.34 -9.79 -12.92
C LYS A 53 -20.50 -9.03 -13.54
N PRO A 54 -21.74 -9.35 -13.14
CA PRO A 54 -22.92 -8.64 -13.61
C PRO A 54 -23.15 -7.33 -12.84
#